data_3FAZ
#
_entry.id   3FAZ
#
_cell.length_a   48.785
_cell.length_b   118.668
_cell.length_c   129.924
_cell.angle_alpha   90.000
_cell.angle_beta   90.000
_cell.angle_gamma   90.000
#
_symmetry.space_group_name_H-M   'P 21 21 21'
#
loop_
_entity.id
_entity.type
_entity.pdbx_description
1 polymer 'Purine-nucleoside phosphorylase'
2 non-polymer INOSINE
3 non-polymer 'SULFATE ION'
4 water water
#
_entity_poly.entity_id   1
_entity_poly.type   'polypeptide(L)'
_entity_poly.pdbx_seq_one_letter_code
;MHESVTANIENVKKVAHHIQKLTSIVPEIGIICGSGLGKLADGVKDKITIPYTKIPNFPQTSVVGHSGNLIFGTLSGRKV
VVMQGRFHMYEGYSNDTVALPIRVMKLLGVKILMVSNAAGGLNRSLKLGDFVILKDHIYLPGLGLNNILVGPNQEAFGTR
FPALSNAYDRDLRKLAVQVAEENGFGNLVHQGVYVMNGGPCYETPAECTMLLNMGCDVVGMSTIPEVVIARHCGIQVFAV
SLVTNISVLDVESDLKPNHEEVLATGAQRAELMQSWFEKIIEKLPKD
;
_entity_poly.pdbx_strand_id   A,B,C
#
loop_
_chem_comp.id
_chem_comp.type
_chem_comp.name
_chem_comp.formula
NOS non-polymer INOSINE 'C10 H12 N4 O5'
SO4 non-polymer 'SULFATE ION' 'O4 S -2'
#
# COMPACT_ATOMS: atom_id res chain seq x y z
N GLU A 3 14.89 10.13 -15.32
CA GLU A 3 14.53 11.54 -15.17
C GLU A 3 14.40 11.95 -13.71
N SER A 4 14.95 11.13 -12.82
CA SER A 4 14.88 11.37 -11.39
C SER A 4 16.26 11.18 -10.75
N VAL A 5 16.81 12.26 -10.20
CA VAL A 5 18.14 12.19 -9.57
C VAL A 5 18.03 11.83 -8.08
N THR A 6 18.80 10.83 -7.66
CA THR A 6 18.80 10.38 -6.27
C THR A 6 18.94 11.52 -5.28
N ALA A 7 18.03 11.58 -4.31
CA ALA A 7 18.12 12.58 -3.25
C ALA A 7 19.26 12.26 -2.28
N ASN A 8 20.44 11.99 -2.82
CA ASN A 8 21.60 11.69 -2.00
C ASN A 8 22.37 12.96 -1.68
N ILE A 9 23.36 12.86 -0.80
CA ILE A 9 24.06 14.03 -0.31
C ILE A 9 24.77 14.76 -1.46
N GLU A 10 25.25 14.02 -2.45
CA GLU A 10 25.95 14.61 -3.58
C GLU A 10 25.01 15.49 -4.40
N ASN A 11 23.93 14.89 -4.86
CA ASN A 11 22.97 15.62 -5.69
C ASN A 11 22.37 16.79 -4.93
N VAL A 12 22.02 16.56 -3.67
CA VAL A 12 21.44 17.60 -2.84
C VAL A 12 22.41 18.77 -2.59
N LYS A 13 23.68 18.45 -2.39
CA LYS A 13 24.69 19.50 -2.23
C LYS A 13 24.78 20.34 -3.50
N LYS A 14 24.87 19.67 -4.63
CA LYS A 14 24.97 20.35 -5.92
C LYS A 14 23.83 21.36 -6.04
N VAL A 15 22.61 20.90 -5.79
CA VAL A 15 21.43 21.76 -5.86
C VAL A 15 21.46 22.87 -4.80
N ALA A 16 21.79 22.51 -3.58
CA ALA A 16 21.90 23.51 -2.51
C ALA A 16 22.94 24.57 -2.88
N HIS A 17 24.12 24.12 -3.28
CA HIS A 17 25.21 25.02 -3.64
C HIS A 17 24.84 25.95 -4.78
N HIS A 18 24.09 25.42 -5.74
CA HIS A 18 23.65 26.24 -6.84
C HIS A 18 22.75 27.37 -6.34
N ILE A 19 21.72 26.99 -5.59
CA ILE A 19 20.81 27.95 -5.01
C ILE A 19 21.56 29.00 -4.19
N GLN A 20 22.62 28.56 -3.51
CA GLN A 20 23.40 29.43 -2.64
C GLN A 20 24.21 30.44 -3.48
N LYS A 21 24.26 30.19 -4.79
CA LYS A 21 24.90 31.11 -5.72
C LYS A 21 23.85 31.91 -6.48
N LEU A 22 22.63 31.91 -5.95
CA LEU A 22 21.55 32.70 -6.52
C LEU A 22 20.90 33.53 -5.43
N THR A 23 21.30 33.25 -4.19
CA THR A 23 20.74 33.94 -3.04
C THR A 23 21.70 33.77 -1.88
N SER A 24 21.73 34.74 -0.98
CA SER A 24 22.54 34.60 0.22
C SER A 24 21.63 34.53 1.45
N ILE A 25 20.32 34.51 1.23
CA ILE A 25 19.39 34.25 2.32
C ILE A 25 19.62 32.82 2.77
N VAL A 26 20.04 32.66 4.02
CA VAL A 26 20.16 31.34 4.60
C VAL A 26 18.89 31.08 5.37
N PRO A 27 17.96 30.32 4.75
CA PRO A 27 16.66 30.17 5.40
C PRO A 27 16.78 29.35 6.67
N GLU A 28 16.04 29.73 7.70
CA GLU A 28 15.99 28.90 8.87
C GLU A 28 14.62 28.24 8.93
N ILE A 29 13.71 28.73 8.10
CA ILE A 29 12.36 28.22 8.05
C ILE A 29 11.97 27.93 6.60
N GLY A 30 11.63 26.68 6.34
CA GLY A 30 11.10 26.32 5.04
C GLY A 30 9.59 26.32 5.14
N ILE A 31 8.94 26.81 4.11
CA ILE A 31 7.49 26.81 4.10
C ILE A 31 7.07 26.13 2.82
N ILE A 32 6.17 25.16 2.95
CA ILE A 32 5.63 24.49 1.78
C ILE A 32 4.19 24.92 1.59
N CYS A 33 3.96 25.70 0.55
CA CYS A 33 2.66 26.28 0.29
C CYS A 33 1.66 25.22 -0.11
N GLY A 34 0.67 25.02 0.74
CA GLY A 34 -0.48 24.23 0.38
C GLY A 34 -1.64 25.17 0.46
N SER A 35 -2.82 24.60 0.69
CA SER A 35 -4.05 25.36 0.84
C SER A 35 -3.83 26.52 1.80
N GLY A 36 -4.39 27.68 1.46
CA GLY A 36 -4.35 28.84 2.34
C GLY A 36 -3.02 29.55 2.34
N LEU A 37 -2.05 28.99 1.65
CA LEU A 37 -0.78 29.65 1.43
C LEU A 37 -0.73 29.96 -0.07
N GLY A 38 -0.02 31.02 -0.42
CA GLY A 38 0.01 31.48 -1.79
C GLY A 38 0.21 32.98 -1.79
N LYS A 39 -0.53 33.66 -0.92
CA LYS A 39 -0.30 35.07 -0.69
C LYS A 39 0.92 35.22 0.21
N LEU A 40 1.31 34.13 0.85
CA LEU A 40 2.43 34.10 1.77
C LEU A 40 3.68 34.71 1.17
N ALA A 41 3.91 34.42 -0.11
CA ALA A 41 5.07 34.95 -0.82
C ALA A 41 5.05 36.49 -0.84
N ASP A 42 3.86 37.06 -0.99
CA ASP A 42 3.70 38.50 -1.00
C ASP A 42 4.24 39.10 0.30
N GLY A 43 4.00 38.40 1.40
CA GLY A 43 4.45 38.86 2.70
C GLY A 43 5.95 38.76 2.86
N VAL A 44 6.58 37.93 2.05
CA VAL A 44 8.03 37.75 2.12
C VAL A 44 8.73 39.00 1.62
N LYS A 45 9.66 39.50 2.43
CA LYS A 45 10.36 40.75 2.12
C LYS A 45 11.84 40.50 1.89
N ASP A 46 12.46 41.39 1.11
CA ASP A 46 13.83 41.18 0.64
C ASP A 46 13.85 39.88 -0.15
N LYS A 47 12.78 39.64 -0.89
CA LYS A 47 12.56 38.32 -1.49
C LYS A 47 13.15 38.13 -2.88
N ILE A 48 13.72 36.96 -3.08
CA ILE A 48 14.20 36.54 -4.40
C ILE A 48 13.41 35.30 -4.82
N THR A 49 12.77 35.39 -5.97
CA THR A 49 12.08 34.22 -6.53
C THR A 49 13.05 33.48 -7.43
N ILE A 50 13.15 32.18 -7.23
CA ILE A 50 14.03 31.34 -8.02
C ILE A 50 13.22 30.22 -8.65
N PRO A 51 12.91 30.35 -9.95
CA PRO A 51 12.10 29.35 -10.64
C PRO A 51 12.81 28.01 -10.60
N TYR A 52 12.06 26.93 -10.41
CA TYR A 52 12.65 25.61 -10.37
C TYR A 52 13.47 25.38 -11.64
N THR A 53 12.97 25.91 -12.76
CA THR A 53 13.65 25.81 -14.04
C THR A 53 15.09 26.27 -13.94
N LYS A 54 15.36 27.16 -12.99
CA LYS A 54 16.67 27.78 -12.83
C LYS A 54 17.60 26.98 -11.91
N ILE A 55 17.05 25.95 -11.27
CA ILE A 55 17.85 25.12 -10.35
C ILE A 55 18.11 23.76 -10.97
N PRO A 56 19.34 23.54 -11.43
CA PRO A 56 19.72 22.30 -12.11
C PRO A 56 19.45 21.10 -11.20
N ASN A 57 18.83 20.06 -11.74
CA ASN A 57 18.56 18.83 -10.99
C ASN A 57 17.50 18.99 -9.92
N PHE A 58 16.91 20.17 -9.84
CA PHE A 58 15.78 20.36 -8.96
C PHE A 58 14.56 19.85 -9.71
N PRO A 59 13.63 19.21 -8.99
CA PRO A 59 12.42 18.70 -9.65
C PRO A 59 11.68 19.83 -10.36
N GLN A 60 11.00 19.51 -11.46
CA GLN A 60 10.28 20.52 -12.22
C GLN A 60 8.77 20.28 -12.20
N THR A 61 8.00 21.34 -11.98
CA THR A 61 6.56 21.23 -11.82
C THR A 61 5.80 22.40 -12.42
N SER A 62 4.59 22.11 -12.93
CA SER A 62 3.72 23.07 -13.64
C SER A 62 3.76 24.49 -13.08
N HIS A 66 3.97 27.82 -15.76
CA HIS A 66 3.89 28.24 -14.37
C HIS A 66 4.78 27.35 -13.49
N SER A 67 6.07 27.35 -13.78
CA SER A 67 7.01 26.52 -13.04
C SER A 67 7.08 26.94 -11.58
N GLY A 68 7.21 25.96 -10.69
CA GLY A 68 7.30 26.24 -9.27
C GLY A 68 8.47 27.15 -8.98
N ASN A 69 8.48 27.70 -7.77
CA ASN A 69 9.55 28.61 -7.38
C ASN A 69 10.00 28.40 -5.95
N LEU A 70 11.30 28.52 -5.74
CA LEU A 70 11.84 28.72 -4.40
C LEU A 70 11.84 30.22 -4.12
N ILE A 71 11.13 30.63 -3.07
CA ILE A 71 11.06 32.03 -2.72
C ILE A 71 11.80 32.25 -1.41
N PHE A 72 12.89 32.99 -1.49
CA PHE A 72 13.70 33.28 -0.32
C PHE A 72 13.42 34.69 0.17
N GLY A 73 13.71 34.95 1.42
CA GLY A 73 13.51 36.27 1.96
C GLY A 73 13.24 36.26 3.45
N THR A 74 12.56 37.29 3.92
CA THR A 74 12.28 37.45 5.33
C THR A 74 10.79 37.47 5.59
N LEU A 75 10.38 36.75 6.62
CA LEU A 75 9.00 36.74 7.02
C LEU A 75 8.99 36.86 8.52
N SER A 76 8.31 37.90 9.02
CA SER A 76 8.21 38.13 10.45
C SER A 76 9.60 38.11 11.09
N GLY A 77 10.56 38.71 10.42
CA GLY A 77 11.90 38.89 10.96
C GLY A 77 12.78 37.66 10.88
N ARG A 78 12.31 36.63 10.20
CA ARG A 78 13.06 35.39 10.07
C ARG A 78 13.34 35.06 8.61
N LYS A 79 14.48 34.42 8.36
CA LYS A 79 14.82 34.03 7.00
C LYS A 79 14.03 32.78 6.63
N VAL A 80 13.32 32.83 5.53
CA VAL A 80 12.51 31.71 5.11
C VAL A 80 12.81 31.33 3.67
N VAL A 81 12.55 30.08 3.33
CA VAL A 81 12.48 29.69 1.94
C VAL A 81 11.09 29.13 1.78
N VAL A 82 10.41 29.58 0.74
CA VAL A 82 9.05 29.19 0.51
C VAL A 82 9.01 28.38 -0.77
N MET A 83 8.53 27.17 -0.65
CA MET A 83 8.45 26.27 -1.77
C MET A 83 7.07 26.44 -2.38
N GLN A 84 7.04 27.03 -3.57
CA GLN A 84 5.80 27.30 -4.26
C GLN A 84 5.74 26.40 -5.47
N GLY A 85 4.92 25.36 -5.39
CA GLY A 85 4.93 24.31 -6.39
C GLY A 85 5.37 23.04 -5.69
N ARG A 86 4.46 22.09 -5.55
CA ARG A 86 4.76 20.87 -4.82
C ARG A 86 4.75 19.67 -5.73
N PHE A 87 5.33 18.59 -5.22
CA PHE A 87 5.41 17.36 -5.97
C PHE A 87 4.61 16.30 -5.24
N HIS A 88 3.46 16.00 -5.82
CA HIS A 88 2.51 15.10 -5.19
C HIS A 88 2.67 13.73 -5.80
N MET A 89 2.64 12.73 -4.95
CA MET A 89 2.90 11.38 -5.40
C MET A 89 1.82 10.91 -6.36
N TYR A 90 0.60 11.45 -6.23
CA TYR A 90 -0.44 11.05 -7.17
C TYR A 90 -0.13 11.53 -8.59
N GLU A 91 0.80 12.48 -8.72
CA GLU A 91 1.21 12.96 -10.05
C GLU A 91 2.17 12.00 -10.73
N GLY A 92 2.68 11.04 -9.99
CA GLY A 92 3.61 10.08 -10.54
C GLY A 92 5.06 10.40 -10.16
N TYR A 93 5.25 11.48 -9.40
CA TYR A 93 6.60 11.86 -8.96
C TYR A 93 7.20 10.79 -8.08
N SER A 94 8.51 10.63 -8.22
CA SER A 94 9.23 9.63 -7.47
C SER A 94 9.51 10.15 -6.06
N ASN A 95 9.91 9.23 -5.19
CA ASN A 95 10.37 9.58 -3.84
C ASN A 95 11.51 10.56 -3.87
N ASP A 96 12.45 10.33 -4.78
CA ASP A 96 13.62 11.20 -4.92
C ASP A 96 13.23 12.62 -5.28
N THR A 97 12.22 12.76 -6.12
CA THR A 97 11.72 14.06 -6.50
C THR A 97 11.14 14.81 -5.32
N VAL A 98 10.38 14.09 -4.50
CA VAL A 98 9.78 14.69 -3.34
C VAL A 98 10.83 14.97 -2.26
N ALA A 99 11.70 13.99 -2.05
CA ALA A 99 12.72 14.06 -1.02
C ALA A 99 13.77 15.16 -1.24
N LEU A 100 14.14 15.38 -2.50
CA LEU A 100 15.28 16.25 -2.76
C LEU A 100 15.10 17.70 -2.28
N PRO A 101 13.95 18.33 -2.60
CA PRO A 101 13.76 19.71 -2.15
C PRO A 101 13.80 19.84 -0.63
N ILE A 102 13.26 18.86 0.10
CA ILE A 102 13.29 18.94 1.55
C ILE A 102 14.75 18.85 2.03
N ARG A 103 15.48 17.89 1.47
CA ARG A 103 16.88 17.75 1.82
C ARG A 103 17.70 18.94 1.36
N VAL A 104 17.30 19.57 0.25
CA VAL A 104 17.94 20.82 -0.15
C VAL A 104 17.72 21.85 0.96
N MET A 105 16.49 21.94 1.44
CA MET A 105 16.18 22.87 2.51
C MET A 105 17.06 22.62 3.72
N LYS A 106 17.27 21.35 4.06
CA LYS A 106 18.12 21.05 5.19
C LYS A 106 19.50 21.67 4.98
N LEU A 107 20.10 21.41 3.83
CA LEU A 107 21.45 21.89 3.57
C LEU A 107 21.49 23.41 3.56
N LEU A 108 20.39 24.03 3.16
CA LEU A 108 20.32 25.49 3.06
C LEU A 108 20.22 26.11 4.43
N GLY A 109 19.97 25.29 5.44
CA GLY A 109 19.97 25.74 6.82
C GLY A 109 18.62 25.68 7.49
N VAL A 110 17.63 25.11 6.80
CA VAL A 110 16.28 25.10 7.34
C VAL A 110 16.17 24.28 8.62
N LYS A 111 15.64 24.89 9.66
CA LYS A 111 15.50 24.20 10.94
C LYS A 111 14.06 23.80 11.17
N ILE A 112 13.15 24.57 10.59
CA ILE A 112 11.74 24.34 10.79
C ILE A 112 11.04 24.34 9.44
N LEU A 113 10.27 23.29 9.19
CA LEU A 113 9.44 23.22 8.01
C LEU A 113 8.00 23.44 8.42
N MET A 114 7.36 24.41 7.79
CA MET A 114 5.96 24.64 8.04
C MET A 114 5.22 24.28 6.78
N VAL A 115 4.18 23.49 6.92
CA VAL A 115 3.48 23.07 5.73
C VAL A 115 1.98 23.11 5.90
N SER A 116 1.30 23.53 4.84
CA SER A 116 -0.15 23.47 4.85
C SER A 116 -0.57 22.57 3.72
N ASN A 117 -1.76 22.03 3.85
CA ASN A 117 -2.35 21.29 2.76
C ASN A 117 -3.84 21.46 2.90
N ALA A 118 -4.56 21.05 1.87
CA ALA A 118 -6.01 20.96 1.91
C ALA A 118 -6.35 19.53 2.30
N ALA A 119 -7.31 19.35 3.19
CA ALA A 119 -7.72 18.00 3.57
C ALA A 119 -9.22 17.89 3.67
N GLY A 120 -9.71 16.66 3.54
CA GLY A 120 -11.09 16.36 3.83
C GLY A 120 -11.19 16.20 5.32
N GLY A 121 -12.25 16.76 5.90
CA GLY A 121 -12.50 16.64 7.31
C GLY A 121 -13.26 15.37 7.64
N LEU A 122 -12.54 14.42 8.23
CA LEU A 122 -13.12 13.14 8.61
C LEU A 122 -13.82 13.31 9.95
N ASN A 123 -13.11 13.90 10.90
CA ASN A 123 -13.64 14.14 12.23
C ASN A 123 -14.94 14.92 12.10
N ARG A 124 -16.02 14.43 12.70
CA ARG A 124 -17.35 14.99 12.51
C ARG A 124 -17.54 16.35 13.18
N SER A 125 -16.57 16.77 13.98
CA SER A 125 -16.68 18.06 14.68
C SER A 125 -16.05 19.16 13.85
N LEU A 126 -15.39 18.76 12.77
CA LEU A 126 -14.71 19.69 11.91
C LEU A 126 -15.69 20.45 11.01
N LYS A 127 -15.45 21.74 10.87
CA LYS A 127 -16.21 22.56 9.96
C LYS A 127 -15.36 22.93 8.77
N LEU A 128 -16.02 23.13 7.64
CA LEU A 128 -15.36 23.68 6.46
C LEU A 128 -14.55 24.90 6.86
N GLY A 129 -13.33 25.01 6.33
CA GLY A 129 -12.49 26.15 6.63
C GLY A 129 -11.77 26.07 7.96
N ASP A 130 -12.00 25.00 8.71
CA ASP A 130 -11.23 24.79 9.94
C ASP A 130 -9.76 24.53 9.63
N PHE A 131 -8.91 24.85 10.60
CA PHE A 131 -7.51 24.50 10.53
C PHE A 131 -7.27 23.34 11.46
N VAL A 132 -6.71 22.26 10.92
CA VAL A 132 -6.35 21.14 11.73
C VAL A 132 -4.83 21.02 11.70
N ILE A 133 -4.21 21.49 12.78
CA ILE A 133 -2.79 21.27 12.99
C ILE A 133 -2.54 19.76 13.03
N LEU A 134 -1.62 19.27 12.22
CA LEU A 134 -1.28 17.85 12.30
C LEU A 134 -0.51 17.63 13.58
N LYS A 135 -1.00 16.72 14.42
CA LYS A 135 -0.22 16.36 15.58
C LYS A 135 0.28 14.94 15.39
N ASP A 136 -0.24 14.27 14.37
CA ASP A 136 0.29 12.95 14.03
C ASP A 136 -0.21 12.57 12.67
N HIS A 137 0.22 11.43 12.16
CA HIS A 137 -0.27 11.02 10.86
C HIS A 137 -0.31 9.52 10.72
N ILE A 138 -1.05 9.08 9.71
CA ILE A 138 -1.08 7.67 9.32
C ILE A 138 -0.75 7.65 7.86
N TYR A 139 0.42 7.09 7.58
CA TYR A 139 1.03 7.15 6.26
C TYR A 139 0.68 5.85 5.55
N LEU A 140 -0.53 5.76 5.01
CA LEU A 140 -1.00 4.50 4.44
C LEU A 140 -0.04 4.02 3.36
N PRO A 141 0.38 4.91 2.45
CA PRO A 141 1.38 4.46 1.48
C PRO A 141 2.61 3.93 2.16
N GLY A 142 2.99 4.54 3.28
CA GLY A 142 4.20 4.12 3.98
C GLY A 142 4.09 2.75 4.62
N LEU A 143 2.97 2.50 5.28
CA LEU A 143 2.78 1.19 5.86
C LEU A 143 2.77 0.14 4.75
N GLY A 144 2.30 0.52 3.58
CA GLY A 144 2.15 -0.43 2.49
C GLY A 144 3.33 -0.53 1.56
N LEU A 145 4.52 -0.18 2.03
CA LEU A 145 5.73 -0.32 1.22
C LEU A 145 5.95 0.79 0.19
N ASN A 146 5.21 1.89 0.32
CA ASN A 146 5.45 3.07 -0.50
C ASN A 146 5.93 4.25 0.34
N ASN A 147 6.67 3.94 1.40
CA ASN A 147 7.24 4.98 2.22
C ASN A 147 8.30 5.65 1.39
N ILE A 148 8.31 6.98 1.40
CA ILE A 148 9.28 7.76 0.64
C ILE A 148 10.73 7.35 0.90
N LEU A 149 11.01 6.83 2.09
CA LEU A 149 12.37 6.44 2.47
C LEU A 149 12.79 5.06 2.01
N VAL A 150 11.88 4.31 1.43
CA VAL A 150 12.23 2.97 0.95
C VAL A 150 13.38 3.11 -0.04
N GLY A 151 14.38 2.24 0.09
CA GLY A 151 15.59 2.39 -0.68
C GLY A 151 16.75 2.47 0.29
N PRO A 152 17.97 2.53 -0.24
CA PRO A 152 19.18 2.68 0.57
C PRO A 152 19.04 3.92 1.46
N ASN A 153 19.38 3.79 2.74
CA ASN A 153 19.30 4.95 3.62
C ASN A 153 20.42 5.92 3.27
N GLN A 154 20.07 7.19 3.10
CA GLN A 154 21.09 8.19 2.84
C GLN A 154 21.63 8.67 4.18
N GLU A 155 22.74 8.08 4.62
CA GLU A 155 23.26 8.32 5.96
C GLU A 155 23.65 9.78 6.25
N ALA A 156 24.02 10.53 5.21
CA ALA A 156 24.33 11.93 5.42
C ALA A 156 23.11 12.67 5.98
N PHE A 157 21.92 12.12 5.74
CA PHE A 157 20.71 12.85 6.08
C PHE A 157 20.06 12.33 7.33
N GLY A 158 20.05 11.02 7.50
CA GLY A 158 19.35 10.47 8.63
C GLY A 158 19.64 9.01 8.84
N THR A 159 18.92 8.43 9.78
CA THR A 159 19.20 7.08 10.22
C THR A 159 18.32 6.17 9.37
N ARG A 160 18.65 4.89 9.31
CA ARG A 160 17.88 3.92 8.54
C ARG A 160 16.42 3.85 9.00
N PHE A 161 16.23 3.79 10.32
CA PHE A 161 14.90 3.64 10.88
C PHE A 161 14.48 4.86 11.70
N PRO A 162 14.05 5.92 11.01
CA PRO A 162 13.69 7.14 11.74
C PRO A 162 12.45 6.87 12.59
N ALA A 163 12.48 7.38 13.81
CA ALA A 163 11.29 7.36 14.64
C ALA A 163 10.46 8.58 14.24
N LEU A 164 9.15 8.46 14.34
CA LEU A 164 8.31 9.61 14.02
C LEU A 164 7.69 10.16 15.30
N SER A 165 8.37 9.95 16.41
CA SER A 165 7.89 10.51 17.67
C SER A 165 8.05 12.02 17.64
N ASN A 166 7.03 12.73 18.11
CA ASN A 166 7.04 14.19 18.08
C ASN A 166 7.38 14.66 16.65
N ALA A 167 6.91 13.92 15.65
CA ALA A 167 7.14 14.32 14.27
C ALA A 167 6.55 15.71 14.08
N TYR A 168 5.37 15.92 14.64
CA TYR A 168 4.74 17.21 14.52
C TYR A 168 5.04 17.98 15.77
N ASP A 169 6.12 18.71 15.70
CA ASP A 169 6.77 19.22 16.89
C ASP A 169 5.75 19.83 17.82
N ARG A 170 5.65 19.29 19.03
CA ARG A 170 4.60 19.71 19.94
C ARG A 170 4.73 21.17 20.37
N ASP A 171 5.95 21.67 20.45
CA ASP A 171 6.14 23.05 20.85
C ASP A 171 5.69 23.99 19.75
N LEU A 172 5.96 23.61 18.50
CA LEU A 172 5.47 24.40 17.39
C LEU A 172 3.96 24.39 17.40
N ARG A 173 3.38 23.24 17.74
CA ARG A 173 1.93 23.10 17.71
C ARG A 173 1.31 23.96 18.80
N LYS A 174 1.95 23.95 19.97
CA LYS A 174 1.45 24.72 21.10
C LYS A 174 1.51 26.20 20.75
N LEU A 175 2.59 26.61 20.11
CA LEU A 175 2.77 27.98 19.72
C LEU A 175 1.71 28.36 18.71
N ALA A 176 1.43 27.44 17.79
CA ALA A 176 0.52 27.72 16.71
C ALA A 176 -0.85 27.97 17.32
N VAL A 177 -1.21 27.13 18.26
CA VAL A 177 -2.49 27.26 18.95
C VAL A 177 -2.59 28.58 19.71
N GLN A 178 -1.57 28.90 20.49
CA GLN A 178 -1.56 30.14 21.24
C GLN A 178 -1.69 31.37 20.34
N VAL A 179 -0.96 31.37 19.23
CA VAL A 179 -1.08 32.45 18.26
C VAL A 179 -2.50 32.58 17.72
N ALA A 180 -3.09 31.45 17.32
CA ALA A 180 -4.47 31.42 16.89
C ALA A 180 -5.38 31.97 17.98
N GLU A 181 -5.24 31.42 19.19
CA GLU A 181 -6.10 31.82 20.30
C GLU A 181 -5.99 33.30 20.57
N GLU A 182 -4.77 33.83 20.57
CA GLU A 182 -4.55 35.20 20.97
C GLU A 182 -4.91 36.16 19.85
N ASN A 183 -5.09 35.62 18.65
CA ASN A 183 -5.44 36.44 17.50
C ASN A 183 -6.88 36.28 17.04
N GLY A 184 -7.70 35.68 17.90
CA GLY A 184 -9.13 35.65 17.66
C GLY A 184 -9.64 34.56 16.74
N PHE A 185 -8.82 33.57 16.41
CA PHE A 185 -9.34 32.47 15.63
C PHE A 185 -9.02 31.08 16.19
N GLY A 186 -8.73 31.04 17.49
CA GLY A 186 -8.52 29.77 18.18
C GLY A 186 -9.65 28.81 17.90
N ASN A 187 -10.84 29.36 17.67
CA ASN A 187 -12.03 28.55 17.43
C ASN A 187 -11.97 27.84 16.08
N LEU A 188 -11.06 28.26 15.21
CA LEU A 188 -10.95 27.67 13.89
C LEU A 188 -9.94 26.52 13.93
N VAL A 189 -9.20 26.46 15.02
CA VAL A 189 -8.02 25.62 15.11
C VAL A 189 -8.23 24.35 15.90
N HIS A 190 -7.99 23.23 15.23
CA HIS A 190 -8.00 21.95 15.89
C HIS A 190 -6.66 21.30 15.70
N GLN A 191 -6.49 20.17 16.36
CA GLN A 191 -5.34 19.34 16.13
C GLN A 191 -5.83 17.94 15.83
N GLY A 192 -5.14 17.25 14.95
CA GLY A 192 -5.64 15.97 14.57
C GLY A 192 -4.67 15.09 13.83
N VAL A 193 -5.14 13.89 13.51
CA VAL A 193 -4.36 12.95 12.77
C VAL A 193 -4.64 13.07 11.29
N TYR A 194 -3.60 13.26 10.52
CA TYR A 194 -3.75 13.35 9.08
C TYR A 194 -3.42 11.99 8.48
N VAL A 195 -4.32 11.47 7.67
CA VAL A 195 -4.03 10.21 7.01
C VAL A 195 -3.84 10.52 5.54
N MET A 196 -2.80 9.95 4.97
CA MET A 196 -2.57 10.11 3.54
C MET A 196 -3.25 9.03 2.71
N ASN A 197 -4.10 9.47 1.80
CA ASN A 197 -4.59 8.65 0.72
C ASN A 197 -3.67 9.03 -0.45
N GLY A 198 -2.98 8.05 -1.03
CA GLY A 198 -2.14 8.31 -2.20
C GLY A 198 -2.88 9.07 -3.28
N GLY A 199 -4.18 8.82 -3.43
CA GLY A 199 -4.99 9.55 -4.39
C GLY A 199 -4.71 9.04 -5.78
N PRO A 200 -5.17 9.75 -6.82
CA PRO A 200 -5.79 11.08 -6.78
C PRO A 200 -7.30 11.04 -6.58
N CYS A 201 -7.89 9.85 -6.50
CA CYS A 201 -9.31 9.76 -6.19
C CYS A 201 -9.56 10.32 -4.79
N TYR A 202 -10.60 11.11 -4.65
CA TYR A 202 -11.12 11.36 -3.32
C TYR A 202 -11.55 10.06 -2.69
N GLU A 203 -11.67 10.08 -1.37
CA GLU A 203 -12.00 8.87 -0.65
C GLU A 203 -13.48 8.56 -0.82
N THR A 204 -13.80 7.29 -1.04
CA THR A 204 -15.19 6.89 -1.12
C THR A 204 -15.75 7.03 0.28
N PRO A 205 -17.08 7.02 0.41
CA PRO A 205 -17.68 7.07 1.72
C PRO A 205 -17.21 5.93 2.61
N ALA A 206 -17.12 4.71 2.08
CA ALA A 206 -16.63 3.59 2.87
C ALA A 206 -15.21 3.84 3.35
N GLU A 207 -14.39 4.38 2.47
CA GLU A 207 -13.01 4.68 2.83
C GLU A 207 -12.95 5.73 3.92
N CYS A 208 -13.75 6.78 3.79
CA CYS A 208 -13.70 7.84 4.80
C CYS A 208 -14.14 7.27 6.13
N THR A 209 -15.12 6.39 6.05
CA THR A 209 -15.68 5.81 7.25
C THR A 209 -14.60 5.02 7.93
N MET A 210 -13.92 4.18 7.15
CA MET A 210 -12.81 3.37 7.65
C MET A 210 -11.72 4.24 8.25
N LEU A 211 -11.35 5.28 7.51
CA LEU A 211 -10.27 6.17 7.95
C LEU A 211 -10.62 6.87 9.26
N LEU A 212 -11.85 7.37 9.33
CA LEU A 212 -12.34 7.97 10.54
C LEU A 212 -12.19 6.94 11.67
N ASN A 213 -12.65 5.72 11.43
CA ASN A 213 -12.57 4.71 12.47
C ASN A 213 -11.15 4.26 12.81
N MET A 214 -10.21 4.48 11.91
CA MET A 214 -8.80 4.22 12.20
C MET A 214 -8.25 5.29 13.13
N GLY A 215 -9.02 6.35 13.32
CA GLY A 215 -8.62 7.41 14.23
C GLY A 215 -8.07 8.61 13.50
N CYS A 216 -8.45 8.76 12.24
CA CYS A 216 -7.95 9.87 11.43
C CYS A 216 -8.91 11.02 11.50
N ASP A 217 -8.37 12.23 11.57
CA ASP A 217 -9.23 13.41 11.62
C ASP A 217 -9.36 14.06 10.27
N VAL A 218 -8.28 14.07 9.50
CA VAL A 218 -8.34 14.65 8.18
C VAL A 218 -7.60 13.74 7.20
N VAL A 219 -8.01 13.80 5.95
CA VAL A 219 -7.40 12.96 4.93
C VAL A 219 -6.96 13.84 3.77
N GLY A 220 -5.78 13.55 3.26
CA GLY A 220 -5.28 14.31 2.15
C GLY A 220 -4.37 13.40 1.39
N MET A 221 -3.75 13.94 0.33
CA MET A 221 -2.96 13.12 -0.55
C MET A 221 -1.53 13.55 -0.57
N SER A 222 -1.08 14.25 0.47
CA SER A 222 0.25 14.82 0.38
C SER A 222 0.90 14.87 1.76
N THR A 223 1.96 15.67 1.82
CA THR A 223 2.51 16.17 3.07
C THR A 223 3.32 15.16 3.84
N ILE A 224 2.76 13.99 4.09
CA ILE A 224 3.47 13.01 4.87
C ILE A 224 4.86 12.70 4.28
N PRO A 225 4.94 12.50 2.95
CA PRO A 225 6.29 12.18 2.46
C PRO A 225 7.30 13.26 2.85
N GLU A 226 6.96 14.52 2.63
CA GLU A 226 7.88 15.59 2.99
C GLU A 226 8.12 15.60 4.50
N VAL A 227 7.07 15.36 5.28
CA VAL A 227 7.25 15.33 6.72
C VAL A 227 8.26 14.24 7.07
N VAL A 228 8.14 13.08 6.44
CA VAL A 228 9.02 11.96 6.74
C VAL A 228 10.45 12.32 6.39
N ILE A 229 10.64 12.92 5.22
CA ILE A 229 11.98 13.36 4.82
C ILE A 229 12.53 14.45 5.74
N ALA A 230 11.67 15.36 6.18
CA ALA A 230 12.15 16.41 7.07
C ALA A 230 12.48 15.85 8.45
N ARG A 231 11.64 14.95 8.97
CA ARG A 231 11.97 14.36 10.26
C ARG A 231 13.25 13.53 10.18
N HIS A 232 13.42 12.84 9.06
CA HIS A 232 14.58 11.98 8.84
C HIS A 232 15.87 12.78 8.91
N CYS A 233 15.84 14.01 8.40
CA CYS A 233 17.06 14.79 8.41
C CYS A 233 17.04 15.82 9.52
N GLY A 234 16.09 15.70 10.45
CA GLY A 234 16.14 16.48 11.67
C GLY A 234 15.56 17.88 11.55
N ILE A 235 14.66 18.08 10.61
CA ILE A 235 13.99 19.36 10.50
C ILE A 235 12.73 19.27 11.31
N GLN A 236 12.46 20.26 12.15
CA GLN A 236 11.22 20.22 12.90
C GLN A 236 10.09 20.60 11.97
N VAL A 237 8.93 20.05 12.24
CA VAL A 237 7.81 20.18 11.33
C VAL A 237 6.63 20.78 12.02
N PHE A 238 6.01 21.75 11.36
CA PHE A 238 4.68 22.19 11.70
C PHE A 238 3.86 21.98 10.45
N ALA A 239 2.69 21.37 10.60
CA ALA A 239 1.85 21.07 9.45
C ALA A 239 0.42 21.37 9.82
N VAL A 240 -0.30 22.01 8.91
CA VAL A 240 -1.72 22.27 9.14
C VAL A 240 -2.50 21.88 7.92
N SER A 241 -3.63 21.23 8.14
CA SER A 241 -4.52 20.91 7.06
C SER A 241 -5.61 21.94 7.12
N LEU A 242 -5.92 22.55 6.00
CA LEU A 242 -7.11 23.35 5.90
C LEU A 242 -8.19 22.36 5.52
N VAL A 243 -9.26 22.34 6.31
CA VAL A 243 -10.39 21.49 6.01
C VAL A 243 -11.14 22.12 4.85
N THR A 244 -10.88 21.62 3.65
CA THR A 244 -11.38 22.27 2.45
C THR A 244 -12.66 21.58 2.00
N ASN A 245 -13.11 20.64 2.81
CA ASN A 245 -14.33 19.91 2.57
C ASN A 245 -14.60 18.94 3.70
N ILE A 246 -15.86 18.68 3.95
CA ILE A 246 -16.23 17.69 4.92
C ILE A 246 -16.32 16.37 4.19
N SER A 247 -15.52 15.41 4.61
CA SER A 247 -15.54 14.11 3.99
C SER A 247 -16.95 13.55 4.06
N VAL A 248 -17.39 12.95 2.97
CA VAL A 248 -18.68 12.29 2.94
C VAL A 248 -18.53 10.82 3.30
N LEU A 249 -19.21 10.41 4.36
CA LEU A 249 -19.11 9.06 4.89
C LEU A 249 -20.31 8.24 4.50
N ASP A 250 -21.33 8.95 4.03
CA ASP A 250 -22.61 8.37 3.71
C ASP A 250 -22.68 8.15 2.22
N VAL A 251 -22.78 6.89 1.81
CA VAL A 251 -22.76 6.56 0.40
C VAL A 251 -24.07 6.98 -0.27
N GLU A 252 -25.07 7.29 0.54
CA GLU A 252 -26.36 7.72 0.01
C GLU A 252 -26.45 9.23 -0.14
N SER A 253 -25.39 9.93 0.25
CA SER A 253 -25.38 11.39 0.17
C SER A 253 -25.09 11.90 -1.25
N ASP A 254 -25.64 13.07 -1.55
CA ASP A 254 -25.40 13.77 -2.80
C ASP A 254 -24.16 14.64 -2.69
N LEU A 255 -23.76 14.98 -1.46
CA LEU A 255 -22.60 15.84 -1.26
C LEU A 255 -21.37 15.10 -1.74
N LYS A 256 -20.46 15.81 -2.40
CA LYS A 256 -19.24 15.16 -2.90
C LYS A 256 -18.08 16.13 -2.86
N PRO A 257 -16.86 15.59 -2.77
CA PRO A 257 -15.72 16.49 -2.78
C PRO A 257 -15.58 17.02 -4.20
N ASN A 258 -15.08 18.23 -4.31
CA ASN A 258 -14.88 18.84 -5.61
C ASN A 258 -13.67 19.75 -5.50
N HIS A 259 -12.67 19.49 -6.32
CA HIS A 259 -11.41 20.20 -6.20
C HIS A 259 -11.56 21.71 -6.39
N GLU A 260 -12.50 22.10 -7.24
CA GLU A 260 -12.72 23.52 -7.48
C GLU A 260 -13.12 24.17 -6.15
N GLU A 261 -13.98 23.48 -5.42
CA GLU A 261 -14.39 23.99 -4.13
C GLU A 261 -13.24 23.95 -3.14
N VAL A 262 -12.44 22.88 -3.21
CA VAL A 262 -11.28 22.78 -2.34
C VAL A 262 -10.39 24.00 -2.56
N LEU A 263 -10.16 24.35 -3.82
CA LEU A 263 -9.29 25.46 -4.15
C LEU A 263 -9.89 26.74 -3.63
N ALA A 264 -11.20 26.86 -3.80
CA ALA A 264 -11.96 28.02 -3.38
C ALA A 264 -11.93 28.22 -1.86
N THR A 265 -12.14 27.14 -1.13
CA THR A 265 -12.10 27.20 0.34
C THR A 265 -10.70 27.53 0.85
N GLY A 266 -9.69 26.93 0.21
CA GLY A 266 -8.31 27.25 0.53
C GLY A 266 -7.99 28.71 0.24
N ALA A 267 -8.40 29.19 -0.92
CA ALA A 267 -8.12 30.56 -1.30
C ALA A 267 -8.81 31.51 -0.33
N GLN A 268 -10.01 31.15 0.11
CA GLN A 268 -10.75 31.98 1.04
C GLN A 268 -10.04 32.14 2.38
N ARG A 269 -9.40 31.06 2.84
CA ARG A 269 -8.70 31.07 4.13
C ARG A 269 -7.23 31.47 3.99
N ALA A 270 -6.78 31.68 2.76
CA ALA A 270 -5.35 31.88 2.51
C ALA A 270 -4.78 33.04 3.32
N GLU A 271 -5.60 34.08 3.46
CA GLU A 271 -5.16 35.28 4.13
C GLU A 271 -4.97 35.02 5.62
N LEU A 272 -5.93 34.35 6.22
CA LEU A 272 -5.89 34.04 7.64
C LEU A 272 -4.76 33.05 7.91
N MET A 273 -4.60 32.13 6.97
CA MET A 273 -3.58 31.10 7.05
C MET A 273 -2.20 31.73 6.95
N GLN A 274 -2.08 32.70 6.05
CA GLN A 274 -0.85 33.46 5.91
C GLN A 274 -0.55 34.22 7.19
N SER A 275 -1.53 34.95 7.70
CA SER A 275 -1.36 35.74 8.91
C SER A 275 -0.95 34.86 10.08
N TRP A 276 -1.60 33.71 10.20
CA TRP A 276 -1.28 32.74 11.21
C TRP A 276 0.19 32.31 11.12
N PHE A 277 0.60 31.87 9.94
CA PHE A 277 1.99 31.45 9.73
C PHE A 277 2.97 32.57 10.03
N GLU A 278 2.62 33.78 9.60
CA GLU A 278 3.48 34.94 9.85
C GLU A 278 3.61 35.19 11.34
N LYS A 279 2.51 35.06 12.06
CA LYS A 279 2.51 35.34 13.48
C LYS A 279 3.20 34.23 14.27
N ILE A 280 3.07 33.01 13.77
CA ILE A 280 3.75 31.90 14.42
C ILE A 280 5.24 32.16 14.31
N ILE A 281 5.68 32.47 13.09
CA ILE A 281 7.09 32.69 12.84
C ILE A 281 7.60 33.84 13.70
N GLU A 282 6.88 34.95 13.66
CA GLU A 282 7.15 36.09 14.53
C GLU A 282 7.49 35.67 15.96
N LYS A 283 6.80 34.66 16.49
CA LYS A 283 6.98 34.23 17.88
C LYS A 283 7.94 33.06 18.05
N LEU A 284 8.49 32.55 16.96
CA LEU A 284 9.44 31.47 17.07
C LEU A 284 10.63 31.94 17.90
N PRO A 285 11.11 31.08 18.81
CA PRO A 285 12.34 31.37 19.53
C PRO A 285 13.45 31.79 18.55
N LYS A 286 14.10 32.90 18.81
CA LYS A 286 15.23 33.35 18.01
C LYS A 286 16.46 33.10 18.83
N ASP A 287 17.48 32.52 18.21
CA ASP A 287 18.76 32.36 18.88
C ASP A 287 19.75 33.39 18.36
N GLU B 3 1.39 -0.39 -19.79
CA GLU B 3 2.77 0.10 -19.74
C GLU B 3 3.36 0.03 -21.14
N SER B 4 2.73 -0.77 -22.00
CA SER B 4 3.09 -0.80 -23.39
C SER B 4 2.66 0.52 -24.04
N VAL B 5 1.45 0.97 -23.71
CA VAL B 5 0.96 2.26 -24.19
C VAL B 5 0.25 3.07 -23.10
N THR B 6 0.63 4.34 -22.98
CA THR B 6 -0.05 5.24 -22.08
C THR B 6 -1.51 5.32 -22.44
N ALA B 7 -2.38 5.13 -21.45
CA ALA B 7 -3.81 5.17 -21.69
C ALA B 7 -4.31 6.60 -21.90
N ASN B 8 -3.65 7.34 -22.79
CA ASN B 8 -4.08 8.69 -23.11
C ASN B 8 -5.09 8.72 -24.26
N ILE B 9 -5.61 9.90 -24.59
CA ILE B 9 -6.66 10.01 -25.58
C ILE B 9 -6.20 9.51 -26.94
N GLU B 10 -4.95 9.80 -27.28
CA GLU B 10 -4.41 9.45 -28.59
C GLU B 10 -4.28 7.94 -28.77
N ASN B 11 -3.65 7.27 -27.80
CA ASN B 11 -3.51 5.82 -27.88
C ASN B 11 -4.87 5.14 -27.81
N VAL B 12 -5.70 5.60 -26.89
CA VAL B 12 -7.02 5.02 -26.70
C VAL B 12 -7.88 5.21 -27.95
N LYS B 13 -7.94 6.45 -28.43
CA LYS B 13 -8.66 6.74 -29.66
C LYS B 13 -8.21 5.81 -30.77
N LYS B 14 -6.90 5.62 -30.89
CA LYS B 14 -6.38 4.75 -31.94
C LYS B 14 -6.91 3.33 -31.81
N VAL B 15 -6.97 2.82 -30.58
CA VAL B 15 -7.45 1.46 -30.36
C VAL B 15 -8.94 1.39 -30.63
N ALA B 16 -9.67 2.41 -30.19
CA ALA B 16 -11.09 2.51 -30.44
C ALA B 16 -11.38 2.54 -31.93
N HIS B 17 -10.66 3.39 -32.66
CA HIS B 17 -10.87 3.55 -34.09
C HIS B 17 -10.59 2.26 -34.84
N HIS B 18 -9.58 1.53 -34.39
CA HIS B 18 -9.26 0.25 -34.98
C HIS B 18 -10.41 -0.74 -34.78
N ILE B 19 -10.88 -0.82 -33.54
CA ILE B 19 -11.99 -1.72 -33.21
C ILE B 19 -13.23 -1.35 -34.04
N GLN B 20 -13.41 -0.06 -34.27
CA GLN B 20 -14.58 0.41 -35.01
C GLN B 20 -14.53 0.01 -36.49
N LYS B 21 -13.33 -0.30 -36.98
CA LYS B 21 -13.20 -0.87 -38.31
C LYS B 21 -13.63 -2.33 -38.25
N LEU B 22 -13.39 -2.95 -37.11
CA LEU B 22 -13.65 -4.37 -36.93
C LEU B 22 -15.12 -4.66 -36.63
N THR B 23 -15.86 -3.63 -36.22
CA THR B 23 -17.26 -3.83 -35.88
C THR B 23 -18.06 -2.55 -36.00
N SER B 24 -19.34 -2.70 -36.35
CA SER B 24 -20.25 -1.59 -36.50
C SER B 24 -21.10 -1.45 -35.25
N ILE B 25 -20.98 -2.43 -34.35
CA ILE B 25 -21.69 -2.38 -33.09
C ILE B 25 -21.14 -1.27 -32.23
N VAL B 26 -21.98 -0.29 -31.92
CA VAL B 26 -21.62 0.74 -30.96
C VAL B 26 -22.21 0.32 -29.62
N PRO B 27 -21.35 -0.16 -28.71
CA PRO B 27 -21.83 -0.67 -27.42
C PRO B 27 -22.31 0.46 -26.55
N GLU B 28 -23.46 0.27 -25.90
CA GLU B 28 -23.94 1.22 -24.91
C GLU B 28 -23.54 0.68 -23.56
N ILE B 29 -23.38 -0.65 -23.50
CA ILE B 29 -23.07 -1.31 -22.26
C ILE B 29 -21.82 -2.16 -22.36
N GLY B 30 -20.88 -1.93 -21.45
CA GLY B 30 -19.65 -2.68 -21.41
C GLY B 30 -19.76 -3.66 -20.26
N ILE B 31 -19.34 -4.89 -20.48
CA ILE B 31 -19.51 -5.93 -19.47
C ILE B 31 -18.19 -6.62 -19.20
N ILE B 32 -17.86 -6.78 -17.93
CA ILE B 32 -16.67 -7.51 -17.57
C ILE B 32 -17.11 -8.66 -16.69
N CYS B 33 -17.02 -9.88 -17.22
CA CYS B 33 -17.42 -11.07 -16.49
C CYS B 33 -16.22 -11.69 -15.76
N GLY B 34 -16.28 -11.68 -14.43
CA GLY B 34 -15.21 -12.24 -13.63
C GLY B 34 -15.55 -13.63 -13.10
N SER B 35 -16.73 -13.77 -12.53
CA SER B 35 -17.17 -15.05 -11.99
C SER B 35 -17.60 -16.00 -13.10
N GLY B 38 -19.75 -15.16 -17.24
CA GLY B 38 -20.64 -16.17 -17.79
C GLY B 38 -19.75 -16.96 -18.70
N LYS B 39 -20.26 -17.60 -19.74
CA LYS B 39 -21.67 -17.84 -20.04
C LYS B 39 -22.48 -16.69 -20.67
N LEU B 40 -22.57 -15.53 -20.04
CA LEU B 40 -23.25 -14.46 -20.74
C LEU B 40 -22.57 -14.23 -22.05
N ALA B 41 -21.28 -14.13 -21.94
CA ALA B 41 -20.44 -13.92 -23.09
C ALA B 41 -21.02 -14.78 -24.20
N ASP B 42 -21.11 -16.08 -23.94
CA ASP B 42 -21.70 -17.04 -24.85
C ASP B 42 -23.03 -16.64 -25.53
N GLY B 43 -23.96 -16.08 -24.76
CA GLY B 43 -25.33 -15.86 -25.19
C GLY B 43 -25.63 -14.51 -25.84
N VAL B 44 -24.58 -13.77 -26.18
CA VAL B 44 -24.77 -12.48 -26.83
C VAL B 44 -25.14 -12.67 -28.30
N LYS B 45 -26.27 -12.08 -28.69
CA LYS B 45 -26.83 -12.23 -30.03
C LYS B 45 -26.00 -11.52 -31.12
N ASP B 46 -25.84 -12.17 -32.27
CA ASP B 46 -25.18 -11.56 -33.42
C ASP B 46 -23.78 -11.11 -33.08
N LYS B 47 -23.04 -11.95 -32.36
CA LYS B 47 -21.76 -11.54 -31.80
C LYS B 47 -20.65 -11.37 -32.83
N ILE B 48 -19.86 -10.31 -32.63
CA ILE B 48 -18.58 -10.17 -33.29
C ILE B 48 -17.52 -10.39 -32.21
N THR B 49 -16.83 -11.51 -32.30
CA THR B 49 -15.79 -11.83 -31.32
C THR B 49 -14.44 -11.35 -31.84
N ILE B 50 -13.91 -10.31 -31.22
CA ILE B 50 -12.63 -9.76 -31.61
C ILE B 50 -11.59 -10.11 -30.56
N PRO B 51 -10.61 -10.94 -30.92
CA PRO B 51 -9.53 -11.29 -29.99
C PRO B 51 -8.64 -10.08 -29.69
N TYR B 52 -8.12 -9.99 -28.48
CA TYR B 52 -7.22 -8.89 -28.14
C TYR B 52 -6.02 -8.94 -29.06
N THR B 53 -5.64 -10.17 -29.43
CA THR B 53 -4.50 -10.39 -30.32
C THR B 53 -4.68 -9.68 -31.65
N LYS B 54 -5.92 -9.34 -31.97
CA LYS B 54 -6.24 -8.68 -33.22
C LYS B 54 -6.22 -7.16 -33.07
N ILE B 55 -6.20 -6.70 -31.83
CA ILE B 55 -6.27 -5.27 -31.54
C ILE B 55 -4.91 -4.76 -31.09
N PRO B 56 -4.25 -3.98 -31.96
CA PRO B 56 -2.91 -3.47 -31.70
C PRO B 56 -2.92 -2.49 -30.53
N ASN B 57 -1.90 -2.57 -29.67
CA ASN B 57 -1.78 -1.67 -28.54
C ASN B 57 -2.89 -1.84 -27.50
N PHE B 58 -3.77 -2.81 -27.73
CA PHE B 58 -4.71 -3.25 -26.70
C PHE B 58 -3.93 -4.23 -25.85
N PRO B 59 -4.20 -4.25 -24.54
CA PRO B 59 -3.45 -5.16 -23.67
C PRO B 59 -3.66 -6.61 -24.11
N GLN B 60 -2.63 -7.40 -24.00
CA GLN B 60 -2.78 -8.76 -24.35
C GLN B 60 -2.59 -9.56 -23.12
N THR B 61 -3.51 -10.45 -22.94
CA THR B 61 -3.59 -11.35 -21.83
C THR B 61 -2.49 -12.43 -21.87
N SER B 62 -2.24 -13.03 -20.72
CA SER B 62 -1.35 -14.16 -20.63
C SER B 62 -2.12 -15.24 -21.37
N VAL B 63 -1.45 -16.30 -21.80
CA VAL B 63 -2.12 -17.25 -22.68
C VAL B 63 -2.83 -18.36 -21.92
N VAL B 64 -2.30 -19.58 -21.98
CA VAL B 64 -2.99 -20.70 -21.38
C VAL B 64 -3.94 -21.29 -22.40
N GLY B 65 -3.91 -20.74 -23.61
CA GLY B 65 -4.67 -21.28 -24.71
C GLY B 65 -5.96 -20.57 -24.80
N HIS B 66 -6.03 -19.44 -24.12
CA HIS B 66 -7.28 -18.75 -24.03
C HIS B 66 -7.00 -17.30 -24.09
N SER B 67 -6.76 -16.77 -25.27
CA SER B 67 -6.52 -15.37 -25.33
C SER B 67 -7.83 -14.67 -25.18
N GLY B 68 -7.77 -13.50 -24.62
CA GLY B 68 -8.96 -12.72 -24.40
C GLY B 68 -9.63 -12.19 -25.67
N ASN B 69 -10.91 -11.83 -25.55
CA ASN B 69 -11.61 -11.22 -26.67
C ASN B 69 -12.51 -10.09 -26.22
N LEU B 70 -12.72 -9.14 -27.11
CA LEU B 70 -13.85 -8.24 -27.03
C LEU B 70 -15.00 -8.87 -27.80
N ILE B 71 -16.06 -9.22 -27.10
CA ILE B 71 -17.24 -9.76 -27.75
C ILE B 71 -18.29 -8.67 -27.89
N PHE B 72 -18.57 -8.27 -29.13
CA PHE B 72 -19.59 -7.26 -29.42
C PHE B 72 -20.87 -7.92 -29.90
N GLY B 73 -22.00 -7.42 -29.44
CA GLY B 73 -23.27 -7.89 -29.95
C GLY B 73 -24.43 -7.24 -29.25
N THR B 74 -25.54 -7.96 -29.21
CA THR B 74 -26.70 -7.48 -28.50
C THR B 74 -27.03 -8.45 -27.38
N LEU B 75 -27.41 -7.87 -26.25
CA LEU B 75 -27.92 -8.63 -25.12
C LEU B 75 -29.22 -7.96 -24.71
N SER B 76 -30.29 -8.74 -24.68
CA SER B 76 -31.58 -8.23 -24.26
C SER B 76 -31.95 -7.00 -25.06
N GLY B 77 -31.60 -7.01 -26.34
CA GLY B 77 -31.93 -5.92 -27.25
C GLY B 77 -30.92 -4.78 -27.27
N ARG B 78 -29.99 -4.80 -26.32
CA ARG B 78 -29.05 -3.71 -26.16
C ARG B 78 -27.69 -4.04 -26.75
N LYS B 79 -27.01 -3.03 -27.26
CA LYS B 79 -25.68 -3.22 -27.79
C LYS B 79 -24.69 -3.29 -26.64
N VAL B 80 -23.88 -4.34 -26.61
CA VAL B 80 -22.91 -4.52 -25.55
C VAL B 80 -21.53 -4.86 -26.10
N VAL B 81 -20.51 -4.61 -25.29
CA VAL B 81 -19.21 -5.16 -25.55
C VAL B 81 -18.84 -5.91 -24.29
N VAL B 82 -18.55 -7.19 -24.44
CA VAL B 82 -18.14 -8.01 -23.32
C VAL B 82 -16.63 -8.13 -23.36
N MET B 83 -16.03 -7.95 -22.20
CA MET B 83 -14.59 -8.08 -22.11
C MET B 83 -14.28 -9.44 -21.52
N GLN B 84 -13.70 -10.32 -22.35
CA GLN B 84 -13.35 -11.67 -21.93
C GLN B 84 -11.84 -11.76 -21.77
N GLY B 85 -11.37 -11.76 -20.54
CA GLY B 85 -9.95 -11.67 -20.29
C GLY B 85 -9.65 -10.36 -19.59
N ARG B 86 -9.55 -10.41 -18.27
CA ARG B 86 -9.32 -9.23 -17.48
C ARG B 86 -7.84 -9.06 -17.19
N PHE B 87 -7.48 -7.86 -16.78
CA PHE B 87 -6.09 -7.59 -16.47
C PHE B 87 -6.05 -7.21 -15.02
N HIS B 88 -5.57 -8.14 -14.20
CA HIS B 88 -5.61 -7.98 -12.77
C HIS B 88 -4.25 -7.47 -12.32
N MET B 89 -4.27 -6.55 -11.37
CA MET B 89 -3.04 -5.94 -10.92
C MET B 89 -2.09 -6.97 -10.32
N TYR B 90 -2.62 -8.00 -9.67
CA TYR B 90 -1.72 -8.99 -9.06
C TYR B 90 -0.89 -9.72 -10.11
N GLU B 91 -1.28 -9.60 -11.37
CA GLU B 91 -0.55 -10.24 -12.45
C GLU B 91 0.67 -9.43 -12.83
N GLY B 92 0.76 -8.21 -12.30
CA GLY B 92 1.83 -7.32 -12.65
C GLY B 92 1.47 -6.38 -13.80
N TYR B 93 0.21 -6.40 -14.22
CA TYR B 93 -0.23 -5.47 -15.25
C TYR B 93 -0.13 -4.05 -14.71
N SER B 94 0.12 -3.10 -15.61
CA SER B 94 0.31 -1.71 -15.25
C SER B 94 -1.03 -0.98 -15.22
N ASN B 95 -1.03 0.18 -14.58
CA ASN B 95 -2.21 1.03 -14.55
C ASN B 95 -2.72 1.29 -15.95
N ASP B 96 -1.79 1.56 -16.87
CA ASP B 96 -2.19 1.91 -18.23
C ASP B 96 -2.84 0.73 -18.90
N THR B 97 -2.33 -0.46 -18.61
CA THR B 97 -2.88 -1.67 -19.19
C THR B 97 -4.31 -1.91 -18.73
N VAL B 98 -4.58 -1.69 -17.44
CA VAL B 98 -5.93 -1.86 -16.91
C VAL B 98 -6.85 -0.74 -17.39
N ALA B 99 -6.31 0.48 -17.42
CA ALA B 99 -7.13 1.64 -17.73
C ALA B 99 -7.63 1.62 -19.16
N LEU B 100 -6.77 1.20 -20.07
CA LEU B 100 -7.03 1.40 -21.50
C LEU B 100 -8.30 0.73 -21.99
N PRO B 101 -8.50 -0.55 -21.67
CA PRO B 101 -9.73 -1.18 -22.18
C PRO B 101 -10.98 -0.44 -21.73
N ILE B 102 -10.97 0.12 -20.54
CA ILE B 102 -12.14 0.81 -20.00
C ILE B 102 -12.33 2.12 -20.74
N ARG B 103 -11.23 2.83 -20.98
CA ARG B 103 -11.30 4.06 -21.74
C ARG B 103 -11.66 3.79 -23.20
N VAL B 104 -11.12 2.71 -23.74
CA VAL B 104 -11.58 2.25 -25.05
C VAL B 104 -13.09 2.15 -25.06
N MET B 105 -13.65 1.45 -24.07
CA MET B 105 -15.09 1.31 -23.97
C MET B 105 -15.78 2.66 -23.99
N LYS B 106 -15.20 3.63 -23.28
CA LYS B 106 -15.76 4.96 -23.26
C LYS B 106 -15.86 5.51 -24.69
N LEU B 107 -14.77 5.41 -25.42
CA LEU B 107 -14.72 5.94 -26.78
C LEU B 107 -15.66 5.19 -27.71
N LEU B 108 -15.84 3.89 -27.46
CA LEU B 108 -16.70 3.09 -28.31
C LEU B 108 -18.15 3.44 -28.05
N GLY B 109 -18.43 4.05 -26.91
CA GLY B 109 -19.78 4.50 -26.63
C GLY B 109 -20.40 3.89 -25.38
N VAL B 110 -19.61 3.16 -24.62
CA VAL B 110 -20.13 2.54 -23.40
C VAL B 110 -20.56 3.59 -22.40
N LYS B 111 -21.78 3.46 -21.90
CA LYS B 111 -22.32 4.43 -20.94
C LYS B 111 -22.41 3.75 -19.59
N ILE B 112 -22.50 2.43 -19.61
CA ILE B 112 -22.67 1.64 -18.40
C ILE B 112 -21.74 0.46 -18.46
N LEU B 113 -21.00 0.26 -17.38
CA LEU B 113 -20.11 -0.88 -17.29
C LEU B 113 -20.70 -1.78 -16.23
N MET B 114 -20.87 -3.05 -16.55
CA MET B 114 -21.35 -4.01 -15.59
C MET B 114 -20.23 -4.99 -15.38
N VAL B 115 -19.93 -5.24 -14.11
CA VAL B 115 -18.81 -6.09 -13.76
C VAL B 115 -19.26 -7.10 -12.75
N SER B 116 -18.79 -8.33 -12.92
CA SER B 116 -18.92 -9.31 -11.87
C SER B 116 -17.52 -9.68 -11.46
N ASN B 117 -17.37 -10.13 -10.23
CA ASN B 117 -16.12 -10.69 -9.78
C ASN B 117 -16.46 -11.75 -8.75
N ALA B 118 -15.44 -12.49 -8.30
CA ALA B 118 -15.59 -13.41 -7.21
C ALA B 118 -14.97 -12.75 -6.00
N ALA B 119 -15.55 -12.94 -4.83
CA ALA B 119 -14.97 -12.36 -3.64
C ALA B 119 -15.14 -13.25 -2.42
N GLY B 120 -14.27 -13.06 -1.43
CA GLY B 120 -14.49 -13.67 -0.14
C GLY B 120 -15.56 -12.89 0.58
N GLY B 121 -16.48 -13.60 1.20
CA GLY B 121 -17.49 -12.99 2.03
C GLY B 121 -16.91 -12.71 3.40
N LEU B 122 -16.77 -11.44 3.73
CA LEU B 122 -16.30 -11.06 5.05
C LEU B 122 -17.50 -10.96 5.95
N ASN B 123 -18.49 -10.22 5.48
CA ASN B 123 -19.74 -10.07 6.21
C ASN B 123 -20.26 -11.45 6.62
N ARG B 124 -20.51 -11.63 7.92
CA ARG B 124 -20.84 -12.94 8.47
C ARG B 124 -22.23 -13.39 8.05
N SER B 125 -23.03 -12.45 7.59
CA SER B 125 -24.39 -12.78 7.16
C SER B 125 -24.38 -13.36 5.76
N LEU B 126 -23.24 -13.35 5.09
CA LEU B 126 -23.16 -13.86 3.72
C LEU B 126 -23.01 -15.37 3.66
N LYS B 127 -23.52 -15.98 2.60
CA LYS B 127 -23.31 -17.40 2.35
C LYS B 127 -22.69 -17.59 0.97
N LEU B 128 -22.12 -18.76 0.72
CA LEU B 128 -21.58 -19.09 -0.59
C LEU B 128 -22.63 -18.94 -1.67
N GLY B 129 -22.23 -18.42 -2.82
CA GLY B 129 -23.13 -18.28 -3.94
C GLY B 129 -23.95 -17.01 -3.85
N ASP B 130 -23.90 -16.34 -2.71
CA ASP B 130 -24.56 -15.05 -2.55
C ASP B 130 -24.05 -14.03 -3.57
N PHE B 131 -24.91 -13.09 -3.95
CA PHE B 131 -24.46 -11.98 -4.79
C PHE B 131 -24.36 -10.75 -3.93
N VAL B 132 -23.19 -10.10 -3.95
CA VAL B 132 -23.07 -8.84 -3.25
C VAL B 132 -22.89 -7.73 -4.26
N ILE B 133 -23.96 -6.99 -4.51
CA ILE B 133 -23.87 -5.78 -5.33
C ILE B 133 -22.92 -4.82 -4.62
N LEU B 134 -21.93 -4.33 -5.32
CA LEU B 134 -21.04 -3.37 -4.69
C LEU B 134 -21.80 -2.07 -4.60
N LYS B 135 -21.94 -1.53 -3.40
CA LYS B 135 -22.49 -0.19 -3.31
C LYS B 135 -21.38 0.79 -2.97
N ASP B 136 -20.20 0.26 -2.65
CA ASP B 136 -19.06 1.12 -2.34
C ASP B 136 -17.82 0.26 -2.28
N HIS B 137 -16.66 0.90 -2.14
CA HIS B 137 -15.46 0.09 -2.07
C HIS B 137 -14.40 0.74 -1.20
N ILE B 138 -13.47 -0.10 -0.77
CA ILE B 138 -12.29 0.35 -0.09
C ILE B 138 -11.11 -0.10 -0.95
N TYR B 139 -10.44 0.89 -1.49
CA TYR B 139 -9.43 0.67 -2.49
C TYR B 139 -8.09 0.70 -1.78
N LEU B 140 -7.74 -0.41 -1.14
CA LEU B 140 -6.57 -0.42 -0.26
C LEU B 140 -5.31 -0.04 -1.04
N PRO B 141 -5.13 -0.62 -2.23
CA PRO B 141 -3.95 -0.22 -3.01
C PRO B 141 -4.03 1.27 -3.38
N GLY B 142 -5.24 1.74 -3.64
CA GLY B 142 -5.45 3.15 -3.95
C GLY B 142 -5.01 4.02 -2.81
N LEU B 143 -5.42 3.67 -1.59
CA LEU B 143 -5.04 4.46 -0.44
C LEU B 143 -3.53 4.46 -0.28
N GLY B 144 -2.92 3.34 -0.62
CA GLY B 144 -1.51 3.12 -0.35
C GLY B 144 -0.61 3.59 -1.48
N LEU B 145 -1.12 4.46 -2.34
CA LEU B 145 -0.32 5.01 -3.44
C LEU B 145 -0.18 4.09 -4.65
N ASN B 146 -1.09 3.13 -4.76
CA ASN B 146 -1.16 2.31 -5.97
C ASN B 146 -2.49 2.49 -6.70
N ASN B 147 -3.04 3.69 -6.62
CA ASN B 147 -4.29 3.98 -7.30
C ASN B 147 -3.97 3.93 -8.78
N ILE B 148 -4.84 3.27 -9.55
CA ILE B 148 -4.67 3.16 -10.99
C ILE B 148 -4.51 4.54 -11.67
N LEU B 149 -5.07 5.58 -11.08
CA LEU B 149 -4.97 6.92 -11.66
C LEU B 149 -3.67 7.67 -11.30
N VAL B 150 -2.84 7.08 -10.45
CA VAL B 150 -1.58 7.71 -10.10
C VAL B 150 -0.83 8.00 -11.39
N GLY B 151 -0.35 9.22 -11.53
CA GLY B 151 0.40 9.64 -12.69
C GLY B 151 -0.32 10.80 -13.31
N PRO B 152 0.20 11.32 -14.42
CA PRO B 152 -0.44 12.44 -15.11
C PRO B 152 -1.91 12.15 -15.35
N ASN B 153 -2.76 13.11 -15.03
CA ASN B 153 -4.16 12.92 -15.32
C ASN B 153 -4.41 13.06 -16.81
N GLN B 154 -5.11 12.10 -17.38
CA GLN B 154 -5.50 12.16 -18.78
C GLN B 154 -6.79 12.95 -18.86
N GLU B 155 -6.64 14.25 -19.06
CA GLU B 155 -7.75 15.18 -18.98
C GLU B 155 -8.84 14.86 -20.00
N ALA B 156 -8.44 14.30 -21.14
CA ALA B 156 -9.39 13.89 -22.16
C ALA B 156 -10.48 13.05 -21.51
N PHE B 157 -10.11 12.30 -20.48
CA PHE B 157 -11.03 11.33 -19.91
C PHE B 157 -11.75 11.77 -18.65
N GLY B 158 -11.08 12.55 -17.81
CA GLY B 158 -11.72 13.00 -16.59
C GLY B 158 -10.85 13.93 -15.78
N THR B 159 -11.33 14.26 -14.59
CA THR B 159 -10.70 15.26 -13.75
C THR B 159 -9.52 14.67 -12.97
N ARG B 160 -8.62 15.53 -12.50
CA ARG B 160 -7.48 15.08 -11.73
C ARG B 160 -7.91 14.34 -10.47
N PHE B 161 -8.88 14.89 -9.76
CA PHE B 161 -9.31 14.34 -8.48
C PHE B 161 -10.75 13.92 -8.61
N PRO B 162 -10.97 12.69 -9.11
CA PRO B 162 -12.34 12.23 -9.29
C PRO B 162 -12.97 12.00 -7.93
N ALA B 163 -14.21 12.45 -7.77
CA ALA B 163 -14.99 12.03 -6.61
C ALA B 163 -15.48 10.64 -6.96
N LEU B 164 -15.67 9.83 -5.94
CA LEU B 164 -16.21 8.50 -6.15
C LEU B 164 -17.57 8.47 -5.47
N SER B 165 -18.28 9.57 -5.66
CA SER B 165 -19.64 9.72 -5.17
C SER B 165 -20.56 8.94 -6.08
N ASN B 166 -21.44 8.14 -5.48
CA ASN B 166 -22.38 7.32 -6.24
C ASN B 166 -21.65 6.50 -7.29
N ALA B 167 -20.45 6.03 -6.93
CA ALA B 167 -19.60 5.31 -7.88
C ALA B 167 -20.33 4.08 -8.34
N TYR B 168 -21.04 3.43 -7.43
CA TYR B 168 -21.83 2.26 -7.79
C TYR B 168 -23.24 2.76 -7.95
N ASP B 169 -23.53 3.21 -9.15
CA ASP B 169 -24.73 3.95 -9.43
C ASP B 169 -25.93 3.40 -8.64
N ARG B 170 -26.50 4.23 -7.77
CA ARG B 170 -27.55 3.75 -6.88
C ARG B 170 -28.79 3.31 -7.67
N ASP B 171 -29.04 3.96 -8.80
CA ASP B 171 -30.17 3.58 -9.63
C ASP B 171 -29.96 2.22 -10.28
N LEU B 172 -28.75 1.94 -10.73
CA LEU B 172 -28.47 0.62 -11.31
C LEU B 172 -28.59 -0.47 -10.26
N ARG B 173 -28.17 -0.15 -9.03
CA ARG B 173 -28.24 -1.10 -7.94
C ARG B 173 -29.70 -1.38 -7.60
N LYS B 174 -30.51 -0.32 -7.55
CA LYS B 174 -31.94 -0.44 -7.31
C LYS B 174 -32.59 -1.30 -8.39
N LEU B 175 -32.24 -1.07 -9.64
CA LEU B 175 -32.80 -1.87 -10.73
C LEU B 175 -32.38 -3.32 -10.57
N ALA B 176 -31.11 -3.53 -10.24
CA ALA B 176 -30.57 -4.87 -10.14
C ALA B 176 -31.31 -5.63 -9.05
N VAL B 177 -31.52 -4.97 -7.92
CA VAL B 177 -32.24 -5.60 -6.82
C VAL B 177 -33.64 -5.95 -7.30
N GLN B 178 -34.39 -4.95 -7.75
CA GLN B 178 -35.72 -5.17 -8.30
C GLN B 178 -35.76 -6.37 -9.23
N VAL B 179 -34.81 -6.45 -10.15
CA VAL B 179 -34.78 -7.53 -11.11
C VAL B 179 -34.55 -8.87 -10.43
N ALA B 180 -33.65 -8.91 -9.46
CA ALA B 180 -33.37 -10.16 -8.78
C ALA B 180 -34.61 -10.58 -8.00
N GLU B 181 -35.26 -9.59 -7.40
CA GLU B 181 -36.49 -9.83 -6.64
C GLU B 181 -37.56 -10.39 -7.57
N GLU B 182 -37.75 -9.75 -8.72
CA GLU B 182 -38.79 -10.13 -9.68
C GLU B 182 -38.57 -11.51 -10.27
N ASN B 183 -37.35 -12.02 -10.16
CA ASN B 183 -37.02 -13.28 -10.81
C ASN B 183 -36.74 -14.41 -9.84
N GLY B 184 -37.16 -14.23 -8.60
CA GLY B 184 -37.12 -15.30 -7.62
C GLY B 184 -35.77 -15.58 -6.97
N PHE B 185 -34.87 -14.60 -6.98
CA PHE B 185 -33.58 -14.79 -6.32
C PHE B 185 -33.09 -13.51 -5.65
N GLY B 186 -34.06 -12.71 -5.20
CA GLY B 186 -33.77 -11.51 -4.44
C GLY B 186 -33.13 -11.87 -3.13
N ASN B 187 -33.44 -13.05 -2.62
CA ASN B 187 -32.90 -13.51 -1.35
C ASN B 187 -31.39 -13.70 -1.41
N LEU B 188 -30.87 -13.87 -2.63
CA LEU B 188 -29.45 -14.12 -2.85
C LEU B 188 -28.66 -12.82 -2.90
N VAL B 189 -29.37 -11.72 -3.13
CA VAL B 189 -28.72 -10.46 -3.38
C VAL B 189 -28.53 -9.64 -2.12
N HIS B 190 -27.30 -9.22 -1.89
CA HIS B 190 -27.00 -8.26 -0.84
C HIS B 190 -26.30 -7.11 -1.51
N GLN B 191 -26.10 -6.05 -0.74
CA GLN B 191 -25.26 -4.94 -1.16
C GLN B 191 -24.25 -4.67 -0.07
N GLY B 192 -23.07 -4.28 -0.46
CA GLY B 192 -22.02 -4.10 0.52
C GLY B 192 -20.82 -3.41 -0.06
N VAL B 193 -19.78 -3.37 0.78
CA VAL B 193 -18.56 -2.69 0.46
C VAL B 193 -17.56 -3.74 0.08
N TYR B 194 -17.00 -3.58 -1.11
CA TYR B 194 -15.96 -4.44 -1.64
C TYR B 194 -14.64 -3.81 -1.26
N VAL B 195 -13.76 -4.57 -0.66
CA VAL B 195 -12.41 -4.08 -0.41
C VAL B 195 -11.48 -4.79 -1.36
N MET B 196 -10.59 -4.03 -1.97
CA MET B 196 -9.60 -4.65 -2.82
C MET B 196 -8.37 -5.06 -2.02
N ASN B 197 -8.06 -6.35 -2.04
CA ASN B 197 -6.75 -6.84 -1.67
C ASN B 197 -5.96 -6.97 -2.95
N GLY B 198 -4.85 -6.25 -3.03
CA GLY B 198 -4.01 -6.31 -4.22
C GLY B 198 -3.68 -7.74 -4.62
N GLY B 199 -3.59 -8.64 -3.63
CA GLY B 199 -3.35 -10.04 -3.92
C GLY B 199 -1.93 -10.31 -4.39
N PRO B 200 -1.66 -11.53 -4.87
CA PRO B 200 -2.65 -12.58 -5.16
C PRO B 200 -2.91 -13.54 -4.00
N CYS B 201 -2.30 -13.31 -2.85
CA CYS B 201 -2.57 -14.17 -1.71
C CYS B 201 -4.00 -13.94 -1.28
N TYR B 202 -4.66 -15.03 -0.92
CA TYR B 202 -5.90 -14.88 -0.19
C TYR B 202 -5.59 -14.24 1.13
N GLU B 203 -6.61 -13.69 1.76
CA GLU B 203 -6.42 -12.91 2.96
C GLU B 203 -6.25 -13.87 4.12
N THR B 204 -5.33 -13.54 5.02
CA THR B 204 -5.17 -14.35 6.23
C THR B 204 -6.39 -14.10 7.10
N PRO B 205 -6.61 -14.98 8.08
CA PRO B 205 -7.72 -14.73 9.02
C PRO B 205 -7.62 -13.35 9.67
N ALA B 206 -6.41 -12.92 10.02
CA ALA B 206 -6.22 -11.64 10.68
C ALA B 206 -6.56 -10.51 9.73
N GLU B 207 -6.17 -10.67 8.47
CA GLU B 207 -6.51 -9.68 7.46
C GLU B 207 -8.01 -9.57 7.27
N CYS B 208 -8.69 -10.71 7.18
CA CYS B 208 -10.13 -10.72 7.01
C CYS B 208 -10.81 -10.05 8.19
N THR B 209 -10.35 -10.39 9.39
CA THR B 209 -10.91 -9.80 10.60
C THR B 209 -10.75 -8.29 10.54
N MET B 210 -9.55 -7.85 10.19
CA MET B 210 -9.30 -6.43 10.04
C MET B 210 -10.22 -5.82 8.96
N LEU B 211 -10.37 -6.54 7.86
CA LEU B 211 -11.15 -6.03 6.73
C LEU B 211 -12.61 -5.90 7.10
N LEU B 212 -13.13 -6.93 7.75
CA LEU B 212 -14.49 -6.92 8.26
C LEU B 212 -14.68 -5.71 9.16
N ASN B 213 -13.74 -5.50 10.08
CA ASN B 213 -13.89 -4.43 11.03
C ASN B 213 -13.67 -3.04 10.42
N MET B 214 -13.08 -3.00 9.22
CA MET B 214 -12.94 -1.77 8.47
C MET B 214 -14.27 -1.40 7.78
N GLY B 215 -15.26 -2.27 7.90
CA GLY B 215 -16.54 -2.06 7.25
C GLY B 215 -16.65 -2.74 5.90
N CYS B 216 -15.81 -3.73 5.65
CA CYS B 216 -15.84 -4.42 4.38
C CYS B 216 -16.74 -5.63 4.42
N ASP B 217 -17.52 -5.80 3.35
CA ASP B 217 -18.42 -6.92 3.23
C ASP B 217 -17.83 -8.06 2.43
N VAL B 218 -17.11 -7.72 1.37
CA VAL B 218 -16.50 -8.78 0.57
C VAL B 218 -15.16 -8.26 0.16
N VAL B 219 -14.25 -9.19 -0.06
CA VAL B 219 -12.92 -8.82 -0.47
C VAL B 219 -12.54 -9.53 -1.75
N GLY B 220 -11.89 -8.80 -2.64
CA GLY B 220 -11.42 -9.41 -3.87
C GLY B 220 -10.15 -8.71 -4.31
N MET B 221 -9.64 -9.11 -5.46
CA MET B 221 -8.35 -8.60 -5.91
C MET B 221 -8.47 -7.85 -7.22
N SER B 222 -9.68 -7.44 -7.55
CA SER B 222 -9.91 -6.85 -8.87
C SER B 222 -10.93 -5.75 -8.79
N THR B 223 -11.42 -5.37 -9.96
CA THR B 223 -12.60 -4.55 -10.14
C THR B 223 -12.45 -3.06 -9.82
N ILE B 224 -11.93 -2.74 -8.64
CA ILE B 224 -11.85 -1.33 -8.25
C ILE B 224 -11.07 -0.49 -9.26
N PRO B 225 -9.91 -0.99 -9.72
CA PRO B 225 -9.16 -0.17 -10.69
C PRO B 225 -10.04 0.19 -11.88
N GLU B 226 -10.65 -0.82 -12.46
CA GLU B 226 -11.62 -0.63 -13.54
C GLU B 226 -12.72 0.34 -13.16
N VAL B 227 -13.32 0.15 -11.99
CA VAL B 227 -14.39 1.04 -11.58
C VAL B 227 -13.89 2.49 -11.53
N VAL B 228 -12.70 2.65 -10.99
CA VAL B 228 -12.13 3.98 -10.85
C VAL B 228 -11.94 4.62 -12.24
N ILE B 229 -11.39 3.86 -13.16
CA ILE B 229 -11.20 4.36 -14.52
C ILE B 229 -12.55 4.71 -15.15
N ALA B 230 -13.53 3.83 -14.96
CA ALA B 230 -14.85 4.06 -15.51
C ALA B 230 -15.46 5.34 -14.96
N ARG B 231 -15.50 5.46 -13.62
CA ARG B 231 -16.08 6.64 -13.01
C ARG B 231 -15.31 7.89 -13.44
N HIS B 232 -13.99 7.76 -13.53
CA HIS B 232 -13.18 8.90 -13.93
C HIS B 232 -13.67 9.41 -15.30
N CYS B 233 -13.98 8.50 -16.21
CA CYS B 233 -14.41 8.96 -17.54
C CYS B 233 -15.93 8.96 -17.70
N GLY B 234 -16.63 8.83 -16.58
CA GLY B 234 -18.06 9.05 -16.54
C GLY B 234 -18.95 7.90 -16.99
N ILE B 235 -18.41 6.69 -16.94
CA ILE B 235 -19.21 5.51 -17.23
C ILE B 235 -19.89 5.10 -15.93
N GLN B 236 -21.19 4.86 -15.95
CA GLN B 236 -21.83 4.42 -14.72
C GLN B 236 -21.47 2.99 -14.49
N VAL B 237 -21.44 2.60 -13.22
CA VAL B 237 -20.95 1.28 -12.87
C VAL B 237 -21.97 0.49 -12.10
N PHE B 238 -22.11 -0.76 -12.50
CA PHE B 238 -22.81 -1.72 -11.72
C PHE B 238 -21.81 -2.87 -11.56
N ALA B 239 -21.60 -3.29 -10.33
CA ALA B 239 -20.60 -4.32 -10.04
C ALA B 239 -21.18 -5.26 -9.01
N VAL B 240 -20.97 -6.54 -9.21
CA VAL B 240 -21.41 -7.50 -8.24
C VAL B 240 -20.36 -8.54 -7.99
N SER B 241 -20.21 -8.87 -6.72
CA SER B 241 -19.33 -9.90 -6.27
C SER B 241 -20.16 -11.16 -6.06
N LEU B 242 -19.69 -12.26 -6.63
CA LEU B 242 -20.21 -13.56 -6.26
C LEU B 242 -19.37 -13.99 -5.08
N VAL B 243 -20.02 -14.30 -3.96
CA VAL B 243 -19.33 -14.79 -2.80
C VAL B 243 -19.00 -16.26 -3.05
N THR B 244 -17.77 -16.48 -3.51
CA THR B 244 -17.32 -17.79 -3.92
C THR B 244 -16.72 -18.52 -2.74
N ASN B 245 -16.54 -17.79 -1.64
CA ASN B 245 -16.09 -18.39 -0.40
C ASN B 245 -16.31 -17.50 0.79
N ILE B 246 -16.45 -18.13 1.95
CA ILE B 246 -16.58 -17.43 3.20
C ILE B 246 -15.21 -17.28 3.83
N SER B 247 -14.77 -16.04 4.00
CA SER B 247 -13.49 -15.76 4.60
C SER B 247 -13.38 -16.39 5.98
N VAL B 248 -12.26 -17.06 6.23
CA VAL B 248 -11.99 -17.57 7.55
C VAL B 248 -11.43 -16.46 8.41
N LEU B 249 -12.03 -16.25 9.58
CA LEU B 249 -11.72 -15.13 10.45
C LEU B 249 -10.71 -15.46 11.53
N ASP B 250 -10.64 -16.71 11.95
CA ASP B 250 -9.59 -17.04 12.90
C ASP B 250 -8.73 -18.20 12.44
N VAL B 251 -7.48 -18.13 12.85
CA VAL B 251 -6.42 -18.97 12.34
C VAL B 251 -6.57 -20.43 12.76
N GLU B 252 -7.44 -20.68 13.72
CA GLU B 252 -7.67 -22.05 14.18
C GLU B 252 -8.31 -22.95 13.13
N SER B 253 -9.25 -22.44 12.36
CA SER B 253 -9.99 -23.25 11.40
C SER B 253 -9.11 -23.83 10.30
N ASP B 254 -9.42 -25.03 9.87
CA ASP B 254 -8.67 -25.63 8.77
C ASP B 254 -8.90 -24.70 7.60
N LEU B 255 -10.15 -24.29 7.43
CA LEU B 255 -10.51 -23.23 6.51
C LEU B 255 -9.95 -23.41 5.11
N LYS B 256 -9.37 -22.34 4.61
CA LYS B 256 -8.64 -22.34 3.34
C LYS B 256 -9.48 -21.89 2.15
N PRO B 257 -9.31 -20.63 1.75
CA PRO B 257 -9.93 -20.13 0.53
C PRO B 257 -9.17 -20.77 -0.62
N ASN B 258 -9.82 -21.07 -1.73
CA ASN B 258 -9.13 -21.74 -2.81
C ASN B 258 -9.78 -21.41 -4.10
N HIS B 259 -8.98 -21.18 -5.11
CA HIS B 259 -9.49 -20.76 -6.40
C HIS B 259 -10.45 -21.80 -6.96
N GLU B 260 -10.33 -23.03 -6.47
CA GLU B 260 -11.20 -24.12 -6.89
C GLU B 260 -12.66 -23.84 -6.55
N GLU B 261 -12.92 -23.57 -5.27
CA GLU B 261 -14.28 -23.25 -4.81
C GLU B 261 -14.77 -21.97 -5.47
N VAL B 262 -13.83 -21.10 -5.87
CA VAL B 262 -14.16 -19.89 -6.59
C VAL B 262 -14.79 -20.25 -7.94
N LEU B 263 -14.10 -21.11 -8.68
CA LEU B 263 -14.63 -21.58 -9.97
C LEU B 263 -15.90 -22.40 -9.75
N ALA B 264 -15.93 -23.18 -8.68
CA ALA B 264 -17.07 -24.03 -8.35
C ALA B 264 -18.33 -23.21 -8.09
N THR B 265 -18.32 -22.43 -7.01
CA THR B 265 -19.44 -21.54 -6.69
C THR B 265 -19.75 -20.68 -7.91
N GLY B 266 -18.70 -20.24 -8.60
CA GLY B 266 -18.85 -19.53 -9.85
C GLY B 266 -19.77 -20.27 -10.79
N ALA B 267 -19.38 -21.50 -11.14
CA ALA B 267 -20.17 -22.33 -12.05
C ALA B 267 -21.60 -22.52 -11.54
N GLN B 268 -21.71 -22.84 -10.26
CA GLN B 268 -23.01 -23.06 -9.64
C GLN B 268 -23.95 -21.89 -9.89
N ARG B 269 -23.40 -20.68 -9.90
CA ARG B 269 -24.21 -19.48 -10.02
C ARG B 269 -24.05 -18.78 -11.37
N ALA B 270 -23.26 -19.36 -12.26
CA ALA B 270 -22.94 -18.72 -13.55
C ALA B 270 -24.19 -18.44 -14.40
N GLU B 271 -25.13 -19.38 -14.43
CA GLU B 271 -26.32 -19.19 -15.24
C GLU B 271 -27.30 -18.21 -14.60
N LEU B 272 -27.35 -18.19 -13.28
CA LEU B 272 -28.18 -17.21 -12.59
C LEU B 272 -27.60 -15.83 -12.82
N MET B 273 -26.32 -15.69 -12.50
CA MET B 273 -25.61 -14.43 -12.70
C MET B 273 -25.81 -13.90 -14.12
N GLN B 274 -25.65 -14.76 -15.12
CA GLN B 274 -25.83 -14.32 -16.50
C GLN B 274 -27.26 -13.93 -16.77
N SER B 275 -28.21 -14.69 -16.23
CA SER B 275 -29.63 -14.40 -16.39
C SER B 275 -29.93 -13.01 -15.82
N TRP B 276 -29.41 -12.79 -14.61
CA TRP B 276 -29.58 -11.54 -13.91
C TRP B 276 -29.08 -10.37 -14.73
N PHE B 277 -27.86 -10.48 -15.25
CA PHE B 277 -27.29 -9.41 -16.06
C PHE B 277 -28.12 -9.14 -17.30
N GLU B 278 -28.57 -10.21 -17.95
CA GLU B 278 -29.41 -10.06 -19.12
C GLU B 278 -30.69 -9.31 -18.77
N LYS B 279 -31.32 -9.71 -17.67
CA LYS B 279 -32.59 -9.12 -17.27
C LYS B 279 -32.41 -7.69 -16.79
N ILE B 280 -31.25 -7.41 -16.20
CA ILE B 280 -30.96 -6.03 -15.85
C ILE B 280 -30.83 -5.19 -17.12
N ILE B 281 -30.01 -5.68 -18.04
CA ILE B 281 -29.78 -4.96 -19.28
C ILE B 281 -31.11 -4.75 -20.03
N GLU B 282 -31.99 -5.75 -19.91
CA GLU B 282 -33.32 -5.67 -20.49
C GLU B 282 -34.07 -4.46 -19.99
N LYS B 283 -33.87 -4.13 -18.72
CA LYS B 283 -34.64 -3.06 -18.09
C LYS B 283 -33.89 -1.75 -17.91
N LEU B 284 -32.64 -1.70 -18.36
CA LEU B 284 -31.91 -0.44 -18.33
C LEU B 284 -32.65 0.60 -19.17
N PRO B 285 -32.60 1.86 -18.74
CA PRO B 285 -33.20 2.95 -19.55
C PRO B 285 -32.46 3.08 -20.86
N LYS B 286 -33.14 3.50 -21.91
CA LYS B 286 -32.52 3.58 -23.23
C LYS B 286 -32.79 4.95 -23.86
N ASP B 287 -31.72 5.59 -24.31
CA ASP B 287 -31.86 6.86 -25.01
C ASP B 287 -32.53 6.61 -26.35
N GLU C 3 14.55 -5.79 -9.78
CA GLU C 3 13.88 -7.08 -9.75
C GLU C 3 14.87 -8.25 -9.83
N SER C 4 16.12 -7.97 -9.45
CA SER C 4 17.23 -8.93 -9.56
C SER C 4 17.09 -9.89 -10.74
N VAL C 5 17.42 -11.16 -10.49
CA VAL C 5 17.08 -12.20 -11.45
C VAL C 5 15.71 -12.74 -11.08
N THR C 6 14.89 -13.05 -12.07
CA THR C 6 13.55 -13.55 -11.81
C THR C 6 13.62 -14.80 -10.95
N ALA C 7 12.84 -14.84 -9.87
CA ALA C 7 12.78 -16.02 -9.02
C ALA C 7 12.01 -17.14 -9.71
N ASN C 8 12.37 -17.42 -10.96
CA ASN C 8 11.72 -18.48 -11.71
C ASN C 8 12.47 -19.79 -11.50
N ILE C 9 11.93 -20.88 -11.99
CA ILE C 9 12.53 -22.18 -11.76
C ILE C 9 13.91 -22.28 -12.37
N GLU C 10 14.10 -21.66 -13.54
CA GLU C 10 15.41 -21.73 -14.18
C GLU C 10 16.47 -21.12 -13.28
N ASN C 11 16.27 -19.88 -12.89
CA ASN C 11 17.26 -19.17 -12.12
C ASN C 11 17.46 -19.78 -10.75
N VAL C 12 16.35 -20.19 -10.13
CA VAL C 12 16.42 -20.81 -8.81
C VAL C 12 17.21 -22.11 -8.87
N LYS C 13 16.87 -22.98 -9.82
CA LYS C 13 17.67 -24.19 -10.03
C LYS C 13 19.16 -23.88 -10.16
N LYS C 14 19.48 -22.89 -10.97
CA LYS C 14 20.89 -22.56 -11.22
C LYS C 14 21.59 -22.20 -9.93
N VAL C 15 20.93 -21.41 -9.10
CA VAL C 15 21.50 -21.01 -7.83
C VAL C 15 21.61 -22.23 -6.93
N ALA C 16 20.53 -22.98 -6.84
CA ALA C 16 20.51 -24.23 -6.08
C ALA C 16 21.69 -25.14 -6.44
N HIS C 17 21.92 -25.33 -7.73
CA HIS C 17 22.94 -26.28 -8.17
C HIS C 17 24.33 -25.74 -7.86
N HIS C 18 24.51 -24.44 -8.01
CA HIS C 18 25.77 -23.81 -7.64
CA HIS C 18 25.77 -23.82 -7.64
C HIS C 18 26.06 -24.10 -6.18
N ILE C 19 25.06 -23.90 -5.33
CA ILE C 19 25.19 -24.16 -3.91
C ILE C 19 25.50 -25.63 -3.64
N GLN C 20 24.77 -26.52 -4.29
CA GLN C 20 24.94 -27.96 -4.06
C GLN C 20 26.33 -28.45 -4.42
N LYS C 21 27.02 -27.64 -5.23
CA LYS C 21 28.39 -27.91 -5.59
C LYS C 21 29.27 -27.66 -4.37
N LEU C 22 28.84 -26.70 -3.54
CA LEU C 22 29.68 -26.16 -2.49
C LEU C 22 29.46 -26.82 -1.14
N THR C 23 28.34 -27.52 -1.01
CA THR C 23 28.06 -28.22 0.23
C THR C 23 27.35 -29.52 -0.07
N SER C 24 27.61 -30.53 0.76
CA SER C 24 26.95 -31.81 0.64
C SER C 24 25.76 -31.83 1.59
N ILE C 25 25.59 -30.72 2.32
CA ILE C 25 24.49 -30.61 3.25
C ILE C 25 23.19 -30.31 2.50
N VAL C 26 22.27 -31.26 2.58
CA VAL C 26 20.93 -31.06 2.06
C VAL C 26 20.09 -30.56 3.22
N PRO C 27 19.78 -29.25 3.23
CA PRO C 27 19.04 -28.66 4.34
C PRO C 27 17.64 -29.22 4.46
N GLU C 28 17.22 -29.51 5.67
CA GLU C 28 15.85 -29.87 5.95
C GLU C 28 15.18 -28.64 6.55
N ILE C 29 15.99 -27.82 7.20
CA ILE C 29 15.49 -26.63 7.88
C ILE C 29 16.24 -25.41 7.38
N GLY C 30 15.49 -24.38 7.02
CA GLY C 30 16.04 -23.11 6.66
C GLY C 30 15.83 -22.18 7.83
N ILE C 31 16.82 -21.37 8.14
CA ILE C 31 16.72 -20.49 9.27
C ILE C 31 17.07 -19.11 8.80
N ILE C 32 16.11 -18.21 8.91
CA ILE C 32 16.35 -16.84 8.52
C ILE C 32 16.72 -16.06 9.75
N CYS C 33 18.01 -15.75 9.84
CA CYS C 33 18.56 -15.06 10.99
C CYS C 33 17.92 -13.69 11.09
N GLY C 34 17.11 -13.48 12.11
CA GLY C 34 16.63 -12.15 12.41
C GLY C 34 17.15 -11.77 13.78
N SER C 35 16.48 -10.83 14.41
CA SER C 35 16.82 -10.40 15.75
C SER C 35 16.98 -11.58 16.70
N GLY C 36 18.09 -11.60 17.42
CA GLY C 36 18.28 -12.60 18.46
C GLY C 36 18.84 -13.91 17.96
N LEU C 37 19.08 -14.02 16.65
CA LEU C 37 19.57 -15.26 16.06
C LEU C 37 21.01 -15.14 15.54
N GLY C 38 21.68 -14.06 15.91
CA GLY C 38 23.05 -13.84 15.45
C GLY C 38 24.01 -14.90 15.97
N LYS C 39 23.74 -15.39 17.18
CA LYS C 39 24.58 -16.41 17.78
C LYS C 39 24.28 -17.80 17.20
N LEU C 40 23.00 -18.03 16.89
CA LEU C 40 22.58 -19.31 16.31
C LEU C 40 23.40 -19.58 15.08
N ALA C 41 23.40 -18.60 14.18
CA ALA C 41 24.22 -18.64 12.98
C ALA C 41 25.61 -19.18 13.32
N ASP C 42 26.27 -18.56 14.28
CA ASP C 42 27.64 -18.92 14.67
C ASP C 42 27.73 -20.29 15.35
N GLY C 43 26.59 -20.87 15.72
CA GLY C 43 26.59 -22.10 16.48
C GLY C 43 26.36 -23.34 15.65
N VAL C 44 26.23 -23.16 14.34
CA VAL C 44 26.05 -24.30 13.44
C VAL C 44 27.26 -25.21 13.46
N LYS C 45 27.02 -26.51 13.51
CA LYS C 45 28.11 -27.49 13.57
C LYS C 45 28.52 -27.95 12.18
N ASP C 46 29.80 -28.27 12.02
CA ASP C 46 30.32 -28.72 10.74
C ASP C 46 29.90 -27.76 9.66
N LYS C 47 29.95 -26.47 9.99
CA LYS C 47 29.40 -25.43 9.16
C LYS C 47 30.22 -25.23 7.90
N ILE C 48 29.51 -25.01 6.79
CA ILE C 48 30.11 -24.47 5.60
C ILE C 48 29.49 -23.09 5.39
N THR C 49 30.32 -22.09 5.18
CA THR C 49 29.84 -20.73 5.04
C THR C 49 30.00 -20.28 3.60
N ILE C 50 28.89 -19.89 2.98
CA ILE C 50 28.90 -19.51 1.59
C ILE C 50 28.40 -18.08 1.44
N PRO C 51 29.33 -17.14 1.23
CA PRO C 51 28.98 -15.72 1.06
C PRO C 51 28.08 -15.55 -0.16
N TYR C 52 27.10 -14.66 -0.06
CA TYR C 52 26.21 -14.37 -1.17
C TYR C 52 26.99 -14.01 -2.41
N THR C 53 28.12 -13.35 -2.19
CA THR C 53 28.97 -12.90 -3.29
C THR C 53 29.58 -14.07 -4.06
N LYS C 54 29.52 -15.26 -3.49
CA LYS C 54 30.09 -16.44 -4.12
C LYS C 54 29.01 -17.28 -4.80
N ILE C 55 27.79 -16.77 -4.82
CA ILE C 55 26.67 -17.51 -5.40
C ILE C 55 26.10 -16.70 -6.55
N PRO C 56 26.40 -17.12 -7.79
CA PRO C 56 26.01 -16.38 -8.98
C PRO C 56 24.49 -16.25 -9.06
N ASN C 57 24.01 -15.03 -9.30
CA ASN C 57 22.59 -14.74 -9.44
C ASN C 57 21.83 -14.76 -8.12
N PHE C 58 22.53 -15.01 -7.03
CA PHE C 58 21.90 -14.92 -5.72
C PHE C 58 21.88 -13.43 -5.38
N PRO C 59 20.79 -12.95 -4.76
CA PRO C 59 20.72 -11.51 -4.54
C PRO C 59 21.81 -11.09 -3.55
N GLN C 60 22.28 -9.86 -3.68
CA GLN C 60 23.40 -9.38 -2.89
C GLN C 60 22.91 -8.40 -1.86
N THR C 61 23.24 -8.68 -0.60
CA THR C 61 23.02 -7.73 0.47
C THR C 61 24.22 -7.73 1.37
N SER C 62 24.50 -6.59 2.00
CA SER C 62 25.69 -6.52 2.83
C SER C 62 25.45 -5.80 4.15
N VAL C 63 26.20 -6.21 5.17
CA VAL C 63 26.15 -5.53 6.44
C VAL C 63 27.37 -4.62 6.45
N VAL C 64 27.16 -3.33 6.20
CA VAL C 64 28.25 -2.37 6.20
C VAL C 64 29.40 -2.80 5.30
N GLY C 65 29.08 -3.32 4.13
CA GLY C 65 30.07 -3.74 3.15
C GLY C 65 30.50 -5.19 3.24
N HIS C 66 30.07 -5.89 4.29
CA HIS C 66 30.30 -7.32 4.42
C HIS C 66 29.10 -8.11 3.90
N SER C 67 29.39 -9.02 2.97
CA SER C 67 28.35 -9.83 2.36
C SER C 67 27.56 -10.66 3.37
N GLY C 68 26.28 -10.87 3.09
CA GLY C 68 25.52 -11.86 3.81
C GLY C 68 26.07 -13.23 3.42
N ASN C 69 25.73 -14.24 4.20
CA ASN C 69 26.21 -15.61 3.97
C ASN C 69 25.09 -16.64 4.07
N LEU C 70 25.28 -17.73 3.34
CA LEU C 70 24.48 -18.93 3.54
C LEU C 70 25.30 -19.87 4.41
N ILE C 71 24.77 -20.25 5.56
CA ILE C 71 25.51 -21.15 6.42
C ILE C 71 24.86 -22.53 6.50
N PHE C 72 25.58 -23.53 6.00
CA PHE C 72 25.11 -24.91 6.02
C PHE C 72 25.81 -25.73 7.09
N GLY C 73 25.09 -26.67 7.67
CA GLY C 73 25.66 -27.58 8.63
C GLY C 73 24.53 -28.22 9.39
N THR C 74 24.81 -28.72 10.58
CA THR C 74 23.77 -29.30 11.39
C THR C 74 23.57 -28.46 12.63
N LEU C 75 22.34 -28.49 13.11
CA LEU C 75 21.97 -27.78 14.30
C LEU C 75 21.06 -28.76 15.01
N SER C 76 21.41 -29.09 16.24
CA SER C 76 20.64 -30.05 17.01
C SER C 76 20.41 -31.32 16.20
N GLY C 77 21.45 -31.73 15.49
CA GLY C 77 21.42 -32.99 14.77
C GLY C 77 20.71 -32.91 13.44
N ARG C 78 20.17 -31.73 13.12
CA ARG C 78 19.43 -31.56 11.87
C ARG C 78 20.21 -30.74 10.84
N LYS C 79 20.13 -31.13 9.57
CA LYS C 79 20.77 -30.40 8.51
C LYS C 79 20.00 -29.10 8.28
N VAL C 80 20.72 -27.99 8.28
CA VAL C 80 20.10 -26.69 8.13
C VAL C 80 20.86 -25.84 7.17
N VAL C 81 20.17 -24.82 6.67
CA VAL C 81 20.81 -23.72 5.98
C VAL C 81 20.35 -22.47 6.73
N VAL C 82 21.33 -21.74 7.23
CA VAL C 82 21.06 -20.50 7.94
C VAL C 82 21.29 -19.35 7.00
N MET C 83 20.27 -18.52 6.85
CA MET C 83 20.40 -17.37 5.99
C MET C 83 20.87 -16.19 6.82
N GLN C 84 22.09 -15.74 6.58
CA GLN C 84 22.66 -14.64 7.35
C GLN C 84 22.81 -13.41 6.45
N GLY C 85 21.80 -12.56 6.50
CA GLY C 85 21.72 -11.43 5.59
C GLY C 85 20.39 -11.52 4.88
N ARG C 86 19.49 -10.62 5.23
CA ARG C 86 18.16 -10.65 4.67
C ARG C 86 17.95 -9.51 3.72
N PHE C 87 16.83 -9.57 3.02
CA PHE C 87 16.56 -8.61 1.98
C PHE C 87 15.25 -7.93 2.31
N HIS C 88 15.36 -6.85 3.07
CA HIS C 88 14.19 -6.12 3.48
C HIS C 88 13.70 -5.20 2.39
N MET C 89 12.40 -5.17 2.21
CA MET C 89 11.80 -4.39 1.16
C MET C 89 12.08 -2.91 1.38
N TYR C 90 12.26 -2.51 2.63
CA TYR C 90 12.52 -1.10 2.87
C TYR C 90 13.89 -0.69 2.33
N GLU C 91 14.73 -1.67 2.01
CA GLU C 91 16.04 -1.38 1.42
C GLU C 91 15.93 -1.18 -0.08
N GLY C 92 14.76 -1.47 -0.62
CA GLY C 92 14.50 -1.28 -2.03
C GLY C 92 14.58 -2.59 -2.81
N TYR C 93 14.91 -3.68 -2.13
CA TYR C 93 14.99 -4.97 -2.81
C TYR C 93 13.70 -5.34 -3.51
N SER C 94 13.83 -6.00 -4.63
CA SER C 94 12.67 -6.37 -5.43
C SER C 94 12.08 -7.66 -4.89
N ASN C 95 10.86 -7.94 -5.32
CA ASN C 95 10.17 -9.16 -4.94
C ASN C 95 10.98 -10.40 -5.31
N ASP C 96 11.56 -10.39 -6.50
CA ASP C 96 12.31 -11.54 -6.96
C ASP C 96 13.54 -11.75 -6.09
N THR C 97 14.13 -10.66 -5.64
CA THR C 97 15.28 -10.76 -4.77
C THR C 97 14.93 -11.43 -3.45
N VAL C 98 13.83 -10.99 -2.83
CA VAL C 98 13.41 -11.60 -1.58
C VAL C 98 12.98 -13.05 -1.83
N ALA C 99 12.33 -13.28 -2.96
CA ALA C 99 11.71 -14.57 -3.24
C ALA C 99 12.74 -15.66 -3.52
N LEU C 100 13.79 -15.30 -4.25
CA LEU C 100 14.72 -16.29 -4.77
C LEU C 100 15.39 -17.17 -3.71
N PRO C 101 15.99 -16.56 -2.68
CA PRO C 101 16.62 -17.35 -1.63
C PRO C 101 15.67 -18.38 -1.00
N ILE C 102 14.40 -18.01 -0.84
CA ILE C 102 13.43 -18.92 -0.24
C ILE C 102 13.17 -20.09 -1.20
N ARG C 103 13.09 -19.79 -2.48
CA ARG C 103 12.80 -20.81 -3.46
C ARG C 103 14.03 -21.68 -3.70
N VAL C 104 15.20 -21.07 -3.57
CA VAL C 104 16.42 -21.84 -3.58
C VAL C 104 16.42 -22.83 -2.43
N MET C 105 16.01 -22.37 -1.25
CA MET C 105 15.86 -23.25 -0.09
C MET C 105 14.94 -24.42 -0.39
N LYS C 106 13.84 -24.12 -1.09
CA LYS C 106 12.90 -25.16 -1.48
C LYS C 106 13.61 -26.25 -2.29
N LEU C 107 14.24 -25.86 -3.39
CA LEU C 107 14.95 -26.80 -4.26
C LEU C 107 16.09 -27.49 -3.53
N LEU C 108 16.63 -26.83 -2.51
CA LEU C 108 17.71 -27.41 -1.72
C LEU C 108 17.24 -28.50 -0.80
N GLY C 109 15.94 -28.51 -0.50
CA GLY C 109 15.35 -29.58 0.29
C GLY C 109 14.70 -29.09 1.57
N VAL C 110 14.66 -27.78 1.75
CA VAL C 110 14.13 -27.22 2.99
C VAL C 110 12.63 -27.51 3.11
N LYS C 111 12.24 -28.02 4.28
CA LYS C 111 10.84 -28.36 4.55
C LYS C 111 10.23 -27.37 5.51
N ILE C 112 11.10 -26.76 6.31
CA ILE C 112 10.66 -25.91 7.40
C ILE C 112 11.53 -24.68 7.46
N LEU C 113 10.92 -23.52 7.47
CA LEU C 113 11.66 -22.27 7.58
C LEU C 113 11.37 -21.73 8.97
N MET C 114 12.44 -21.39 9.68
CA MET C 114 12.30 -20.73 10.97
C MET C 114 12.88 -19.35 10.82
N VAL C 115 12.16 -18.36 11.29
CA VAL C 115 12.61 -17.00 11.11
C VAL C 115 12.33 -16.22 12.39
N SER C 116 13.23 -15.29 12.68
CA SER C 116 13.01 -14.40 13.79
C SER C 116 13.01 -13.01 13.24
N ASN C 117 12.42 -12.11 14.00
CA ASN C 117 12.57 -10.72 13.69
C ASN C 117 12.44 -9.92 14.96
N ALA C 118 12.72 -8.64 14.85
CA ALA C 118 12.49 -7.72 15.94
C ALA C 118 11.21 -7.03 15.56
N ALA C 119 10.36 -6.77 16.55
CA ALA C 119 9.12 -6.08 16.28
C ALA C 119 8.74 -5.21 17.47
N GLY C 120 7.87 -4.24 17.22
CA GLY C 120 7.36 -3.41 18.29
C GLY C 120 6.14 -4.09 18.85
N GLY C 121 6.00 -4.04 20.17
CA GLY C 121 4.85 -4.60 20.84
C GLY C 121 3.66 -3.67 20.79
N LEU C 122 2.65 -4.05 20.00
CA LEU C 122 1.46 -3.25 19.94
C LEU C 122 0.58 -3.68 21.11
N ASN C 123 0.42 -4.99 21.23
CA ASN C 123 -0.40 -5.59 22.28
C ASN C 123 0.14 -5.08 23.61
N ARG C 124 -0.74 -4.51 24.43
CA ARG C 124 -0.33 -3.80 25.64
C ARG C 124 0.12 -4.75 26.75
N SER C 125 -0.11 -6.04 26.53
CA SER C 125 0.31 -7.05 27.50
C SER C 125 1.77 -7.47 27.28
N LEU C 126 2.31 -7.15 26.11
CA LEU C 126 3.68 -7.50 25.79
C LEU C 126 4.69 -6.68 26.57
N LYS C 127 5.76 -7.34 26.97
CA LYS C 127 6.88 -6.68 27.59
C LYS C 127 8.06 -6.79 26.66
N LEU C 128 8.98 -5.85 26.80
CA LEU C 128 10.29 -5.89 26.15
C LEU C 128 10.93 -7.24 26.37
N GLY C 129 11.42 -7.85 25.31
CA GLY C 129 12.09 -9.12 25.46
C GLY C 129 11.17 -10.30 25.28
N ASP C 130 9.87 -10.05 25.16
CA ASP C 130 8.93 -11.14 24.93
C ASP C 130 9.20 -11.75 23.57
N PHE C 131 8.90 -13.03 23.43
CA PHE C 131 8.93 -13.70 22.15
C PHE C 131 7.49 -13.79 21.72
N VAL C 132 7.18 -13.22 20.56
CA VAL C 132 5.83 -13.38 20.02
C VAL C 132 5.91 -14.28 18.81
N ILE C 133 5.49 -15.52 18.99
CA ILE C 133 5.37 -16.45 17.89
C ILE C 133 4.28 -15.92 17.01
N LEU C 134 4.56 -15.77 15.72
CA LEU C 134 3.55 -15.32 14.77
C LEU C 134 2.60 -16.46 14.57
N LYS C 135 1.32 -16.23 14.83
CA LYS C 135 0.31 -17.21 14.52
C LYS C 135 -0.50 -16.72 13.34
N ASP C 136 -0.23 -15.48 12.92
CA ASP C 136 -0.91 -14.93 11.76
C ASP C 136 -0.30 -13.58 11.43
N HIS C 137 -0.57 -13.08 10.23
CA HIS C 137 -0.07 -11.76 9.92
C HIS C 137 -1.08 -10.91 9.18
N ILE C 138 -0.82 -9.61 9.21
CA ILE C 138 -1.51 -8.69 8.35
C ILE C 138 -0.42 -8.06 7.50
N TYR C 139 -0.53 -8.28 6.20
CA TYR C 139 0.45 -7.89 5.20
C TYR C 139 -0.06 -6.60 4.55
N LEU C 140 0.18 -5.49 5.20
CA LEU C 140 -0.34 -4.23 4.70
C LEU C 140 0.18 -3.99 3.28
N PRO C 141 1.48 -4.22 3.06
CA PRO C 141 1.95 -4.03 1.69
C PRO C 141 1.27 -4.95 0.70
N GLY C 142 0.95 -6.17 1.12
CA GLY C 142 0.31 -7.16 0.25
C GLY C 142 -1.13 -6.79 -0.05
N LEU C 143 -1.83 -6.24 0.94
CA LEU C 143 -3.20 -5.77 0.72
C LEU C 143 -3.21 -4.58 -0.21
N GLY C 144 -2.21 -3.76 -0.14
CA GLY C 144 -2.07 -2.64 -1.03
C GLY C 144 -1.31 -2.79 -2.31
N LEU C 145 -1.27 -3.96 -2.92
CA LEU C 145 -0.55 -4.13 -4.19
C LEU C 145 0.95 -4.18 -4.21
N ASN C 146 1.56 -4.28 -3.06
CA ASN C 146 2.96 -4.59 -2.92
C ASN C 146 3.19 -5.98 -2.37
N ASN C 147 2.30 -6.91 -2.71
CA ASN C 147 2.48 -8.29 -2.31
C ASN C 147 3.67 -8.84 -3.05
N ILE C 148 4.55 -9.51 -2.33
CA ILE C 148 5.75 -10.06 -2.95
C ILE C 148 5.41 -10.93 -4.17
N LEU C 149 4.20 -11.47 -4.22
CA LEU C 149 3.83 -12.39 -5.31
C LEU C 149 3.24 -11.70 -6.53
N VAL C 150 3.10 -10.39 -6.47
CA VAL C 150 2.54 -9.62 -7.57
C VAL C 150 3.43 -9.82 -8.79
N GLY C 151 2.81 -10.02 -9.94
CA GLY C 151 3.54 -10.32 -11.15
C GLY C 151 3.19 -11.73 -11.57
N PRO C 152 3.80 -12.20 -12.67
CA PRO C 152 3.52 -13.54 -13.18
C PRO C 152 3.78 -14.56 -12.08
N ASN C 153 2.86 -15.48 -11.88
CA ASN C 153 3.11 -16.54 -10.92
C ASN C 153 4.14 -17.51 -11.47
N GLN C 154 5.08 -17.92 -10.63
CA GLN C 154 6.02 -18.95 -10.99
C GLN C 154 5.39 -20.30 -10.63
N GLU C 155 4.67 -20.89 -11.57
CA GLU C 155 3.89 -22.09 -11.29
C GLU C 155 4.79 -23.21 -10.79
N ALA C 156 6.06 -23.17 -11.17
CA ALA C 156 7.01 -24.17 -10.71
C ALA C 156 6.99 -24.24 -9.18
N PHE C 157 6.71 -23.11 -8.54
CA PHE C 157 6.84 -23.05 -7.09
C PHE C 157 5.55 -23.13 -6.34
N GLY C 158 4.49 -22.60 -6.91
CA GLY C 158 3.24 -22.56 -6.20
C GLY C 158 2.12 -22.03 -7.07
N THR C 159 0.94 -21.97 -6.48
CA THR C 159 -0.27 -21.63 -7.19
C THR C 159 -0.42 -20.11 -7.29
N ARG C 160 -1.27 -19.65 -8.21
CA ARG C 160 -1.46 -18.23 -8.46
C ARG C 160 -1.99 -17.49 -7.24
N PHE C 161 -2.94 -18.11 -6.56
CA PHE C 161 -3.55 -17.53 -5.38
C PHE C 161 -3.31 -18.43 -4.18
N PRO C 162 -2.14 -18.33 -3.55
CA PRO C 162 -1.94 -19.23 -2.42
C PRO C 162 -2.84 -18.79 -1.28
N ALA C 163 -3.39 -19.76 -0.55
CA ALA C 163 -4.08 -19.46 0.67
C ALA C 163 -3.00 -19.36 1.72
N LEU C 164 -3.25 -18.59 2.75
CA LEU C 164 -2.26 -18.42 3.78
C LEU C 164 -2.85 -18.99 5.06
N SER C 165 -3.71 -19.98 4.89
CA SER C 165 -4.25 -20.74 6.00
C SER C 165 -3.13 -21.53 6.64
N ASN C 166 -3.10 -21.50 7.97
CA ASN C 166 -2.05 -22.16 8.71
C ASN C 166 -0.70 -21.78 8.14
N ALA C 167 -0.52 -20.51 7.80
CA ALA C 167 0.77 -20.05 7.26
C ALA C 167 1.82 -20.24 8.35
N TYR C 168 1.42 -20.03 9.59
CA TYR C 168 2.33 -20.18 10.71
C TYR C 168 1.98 -21.50 11.35
N ASP C 169 2.65 -22.52 10.86
CA ASP C 169 2.27 -23.89 11.15
C ASP C 169 1.89 -24.09 12.61
N ARG C 170 0.64 -24.48 12.84
CA ARG C 170 0.13 -24.56 14.21
C ARG C 170 0.89 -25.61 15.01
N ASP C 171 1.31 -26.68 14.35
CA ASP C 171 2.09 -27.71 15.02
C ASP C 171 3.47 -27.21 15.44
N LEU C 172 4.14 -26.46 14.57
CA LEU C 172 5.42 -25.86 14.91
C LEU C 172 5.24 -24.90 16.08
N ARG C 173 4.14 -24.16 16.06
CA ARG C 173 3.84 -23.20 17.11
C ARG C 173 3.59 -23.96 18.43
N LYS C 174 2.81 -25.03 18.37
CA LYS C 174 2.59 -25.87 19.54
C LYS C 174 3.95 -26.39 20.06
N LEU C 175 4.79 -26.89 19.17
CA LEU C 175 6.09 -27.38 19.60
C LEU C 175 6.88 -26.28 20.29
N ALA C 176 7.01 -25.14 19.63
CA ALA C 176 7.83 -24.05 20.13
C ALA C 176 7.39 -23.64 21.53
N VAL C 177 6.09 -23.55 21.72
CA VAL C 177 5.52 -23.16 23.00
C VAL C 177 5.90 -24.24 24.00
N GLN C 178 5.70 -25.48 23.58
CA GLN C 178 6.01 -26.61 24.43
C GLN C 178 7.45 -26.54 24.93
N VAL C 179 8.37 -26.35 23.98
CA VAL C 179 9.78 -26.29 24.30
C VAL C 179 10.10 -25.11 25.23
N ALA C 180 9.47 -23.97 24.99
CA ALA C 180 9.65 -22.85 25.90
C ALA C 180 9.16 -23.21 27.31
N GLU C 181 8.01 -23.88 27.37
CA GLU C 181 7.41 -24.24 28.66
C GLU C 181 8.32 -25.17 29.43
N GLU C 182 8.76 -26.24 28.76
CA GLU C 182 9.61 -27.26 29.36
C GLU C 182 10.95 -26.70 29.81
N ASN C 183 11.41 -25.67 29.12
CA ASN C 183 12.72 -25.11 29.44
C ASN C 183 12.62 -23.88 30.32
N GLY C 184 11.44 -23.67 30.90
CA GLY C 184 11.27 -22.65 31.91
C GLY C 184 11.22 -21.21 31.45
N PHE C 185 10.92 -20.98 30.18
CA PHE C 185 10.68 -19.59 29.75
C PHE C 185 9.38 -19.42 28.97
N GLY C 186 8.41 -20.29 29.25
CA GLY C 186 7.10 -20.15 28.66
C GLY C 186 6.48 -18.79 28.95
N ASN C 187 6.83 -18.21 30.10
CA ASN C 187 6.33 -16.89 30.45
C ASN C 187 6.75 -15.78 29.48
N LEU C 188 7.83 -16.01 28.75
CA LEU C 188 8.32 -15.05 27.76
C LEU C 188 7.62 -15.22 26.43
N VAL C 189 6.91 -16.33 26.27
CA VAL C 189 6.39 -16.70 24.97
C VAL C 189 4.91 -16.37 24.82
N HIS C 190 4.60 -15.60 23.79
CA HIS C 190 3.22 -15.30 23.44
C HIS C 190 3.00 -15.71 21.99
N GLN C 191 1.77 -15.66 21.54
CA GLN C 191 1.50 -15.83 20.12
C GLN C 191 0.68 -14.65 19.68
N GLY C 192 0.90 -14.19 18.45
CA GLY C 192 0.26 -12.96 18.04
C GLY C 192 0.23 -12.74 16.55
N VAL C 193 -0.44 -11.67 16.17
CA VAL C 193 -0.57 -11.29 14.79
C VAL C 193 0.52 -10.30 14.53
N TYR C 194 1.27 -10.54 13.48
CA TYR C 194 2.34 -9.64 13.11
C TYR C 194 1.85 -8.83 11.91
N VAL C 195 1.94 -7.52 12.01
CA VAL C 195 1.58 -6.69 10.87
C VAL C 195 2.85 -6.08 10.30
N MET C 196 2.96 -6.10 8.99
CA MET C 196 4.10 -5.50 8.34
C MET C 196 3.83 -4.05 7.97
N ASN C 197 4.67 -3.21 8.53
CA ASN C 197 4.83 -1.86 8.07
C ASN C 197 5.99 -1.93 7.07
N GLY C 198 5.73 -1.51 5.85
CA GLY C 198 6.79 -1.51 4.83
C GLY C 198 8.05 -0.80 5.29
N GLY C 199 7.89 0.29 6.04
CA GLY C 199 9.03 0.97 6.63
C GLY C 199 9.73 1.84 5.60
N PRO C 200 10.88 2.39 5.97
CA PRO C 200 11.61 2.07 7.21
C PRO C 200 11.33 2.97 8.42
N CYS C 201 10.33 3.84 8.33
CA CYS C 201 9.98 4.64 9.51
C CYS C 201 9.32 3.74 10.53
N TYR C 202 9.68 3.93 11.79
CA TYR C 202 8.87 3.37 12.85
C TYR C 202 7.46 3.92 12.70
N GLU C 203 6.52 3.21 13.31
CA GLU C 203 5.13 3.57 13.22
C GLU C 203 4.88 4.78 14.11
N THR C 204 4.08 5.72 13.63
CA THR C 204 3.73 6.85 14.45
C THR C 204 2.77 6.32 15.53
N PRO C 205 2.54 7.09 16.57
CA PRO C 205 1.54 6.66 17.56
C PRO C 205 0.15 6.38 16.95
N ALA C 206 -0.33 7.27 16.09
CA ALA C 206 -1.62 7.03 15.43
C ALA C 206 -1.60 5.72 14.65
N GLU C 207 -0.49 5.47 13.97
CA GLU C 207 -0.39 4.24 13.20
C GLU C 207 -0.40 3.04 14.13
N CYS C 208 0.30 3.15 15.24
CA CYS C 208 0.38 2.03 16.17
C CYS C 208 -1.00 1.79 16.73
N THR C 209 -1.67 2.88 17.05
CA THR C 209 -2.98 2.78 17.66
C THR C 209 -3.93 2.11 16.68
N MET C 210 -3.86 2.51 15.41
CA MET C 210 -4.66 1.87 14.37
C MET C 210 -4.30 0.40 14.24
N LEU C 211 -3.02 0.11 14.14
CA LEU C 211 -2.58 -1.29 13.99
C LEU C 211 -3.10 -2.13 15.16
N LEU C 212 -2.92 -1.63 16.38
CA LEU C 212 -3.43 -2.34 17.54
C LEU C 212 -4.93 -2.58 17.36
N ASN C 213 -5.66 -1.54 16.97
CA ASN C 213 -7.10 -1.67 16.80
C ASN C 213 -7.47 -2.63 15.69
N MET C 214 -6.56 -2.86 14.77
CA MET C 214 -6.81 -3.80 13.68
C MET C 214 -6.60 -5.23 14.17
N GLY C 215 -6.16 -5.36 15.41
CA GLY C 215 -5.91 -6.66 16.01
C GLY C 215 -4.48 -7.13 15.80
N CYS C 216 -3.56 -6.20 15.60
CA CYS C 216 -2.16 -6.59 15.47
C CYS C 216 -1.49 -6.58 16.82
N ASP C 217 -0.64 -7.58 17.06
CA ASP C 217 0.02 -7.70 18.33
C ASP C 217 1.42 -7.13 18.29
N VAL C 218 2.09 -7.34 17.17
CA VAL C 218 3.43 -6.78 16.98
C VAL C 218 3.54 -6.21 15.58
N VAL C 219 4.44 -5.26 15.42
CA VAL C 219 4.63 -4.67 14.12
C VAL C 219 6.10 -4.70 13.76
N GLY C 220 6.36 -5.05 12.51
CA GLY C 220 7.70 -5.06 12.02
C GLY C 220 7.66 -4.71 10.56
N MET C 221 8.84 -4.66 9.96
CA MET C 221 8.97 -4.24 8.58
C MET C 221 9.47 -5.37 7.71
N SER C 222 9.33 -6.61 8.17
CA SER C 222 9.99 -7.69 7.44
C SER C 222 9.16 -8.95 7.43
N THR C 223 9.82 -10.02 7.02
CA THR C 223 9.40 -11.37 7.31
C THR C 223 8.21 -11.85 6.50
N ILE C 224 7.14 -11.07 6.47
CA ILE C 224 5.95 -11.54 5.77
C ILE C 224 6.23 -11.91 4.33
N PRO C 225 7.02 -11.09 3.61
CA PRO C 225 7.21 -11.50 2.21
C PRO C 225 7.89 -12.87 2.11
N GLU C 226 8.88 -13.11 2.98
CA GLU C 226 9.57 -14.38 3.01
C GLU C 226 8.57 -15.50 3.29
N VAL C 227 7.72 -15.26 4.29
CA VAL C 227 6.73 -16.24 4.68
C VAL C 227 5.81 -16.55 3.52
N VAL C 228 5.47 -15.52 2.76
CA VAL C 228 4.56 -15.70 1.66
C VAL C 228 5.18 -16.60 0.62
N ILE C 229 6.42 -16.32 0.25
CA ILE C 229 7.14 -17.14 -0.70
C ILE C 229 7.26 -18.57 -0.18
N ALA C 230 7.62 -18.70 1.09
CA ALA C 230 7.71 -20.00 1.73
C ALA C 230 6.39 -20.77 1.64
N ARG C 231 5.30 -20.14 2.07
CA ARG C 231 4.00 -20.80 2.02
C ARG C 231 3.62 -21.08 0.58
N HIS C 232 3.99 -20.18 -0.31
CA HIS C 232 3.66 -20.34 -1.71
C HIS C 232 4.30 -21.62 -2.25
N CYS C 233 5.50 -21.94 -1.78
CA CYS C 233 6.13 -23.15 -2.27
C CYS C 233 6.04 -24.30 -1.29
N GLY C 234 5.16 -24.19 -0.31
CA GLY C 234 4.90 -25.29 0.60
C GLY C 234 5.99 -25.57 1.61
N ILE C 235 6.67 -24.53 2.09
CA ILE C 235 7.57 -24.71 3.19
C ILE C 235 6.82 -24.35 4.45
N GLN C 236 6.98 -25.15 5.49
CA GLN C 236 6.28 -24.83 6.72
C GLN C 236 7.07 -23.72 7.37
N VAL C 237 6.34 -22.83 8.02
CA VAL C 237 6.97 -21.66 8.57
C VAL C 237 6.79 -21.60 10.05
N PHE C 238 7.88 -21.28 10.74
CA PHE C 238 7.82 -20.89 12.14
C PHE C 238 8.49 -19.54 12.24
N ALA C 239 7.83 -18.60 12.87
CA ALA C 239 8.32 -17.23 12.92
C ALA C 239 8.09 -16.69 14.32
N VAL C 240 9.10 -16.02 14.86
CA VAL C 240 8.98 -15.37 16.14
C VAL C 240 9.44 -13.95 16.02
N SER C 241 8.66 -13.04 16.60
CA SER C 241 9.09 -11.67 16.77
C SER C 241 9.67 -11.51 18.16
N LEU C 242 10.83 -10.89 18.24
CA LEU C 242 11.37 -10.47 19.51
C LEU C 242 10.81 -9.09 19.76
N VAL C 243 10.12 -8.89 20.88
CA VAL C 243 9.57 -7.58 21.19
C VAL C 243 10.75 -6.70 21.60
N THR C 244 11.22 -5.90 20.64
CA THR C 244 12.44 -5.12 20.88
C THR C 244 12.06 -3.73 21.35
N ASN C 245 10.78 -3.42 21.33
CA ASN C 245 10.32 -2.17 21.90
C ASN C 245 8.82 -2.21 22.03
N ILE C 246 8.32 -1.42 22.95
CA ILE C 246 6.91 -1.29 23.14
C ILE C 246 6.44 -0.11 22.30
N SER C 247 5.58 -0.39 21.33
CA SER C 247 5.12 0.64 20.43
C SER C 247 4.49 1.77 21.24
N VAL C 248 4.80 2.99 20.84
CA VAL C 248 4.25 4.17 21.49
C VAL C 248 2.95 4.54 20.80
N LEU C 249 1.86 4.55 21.55
CA LEU C 249 0.53 4.84 21.01
C LEU C 249 0.15 6.28 21.29
N ASP C 250 0.94 6.91 22.13
CA ASP C 250 0.64 8.21 22.70
C ASP C 250 1.54 9.24 22.04
N VAL C 251 0.96 10.20 21.32
CA VAL C 251 1.75 11.25 20.67
C VAL C 251 2.58 12.06 21.67
N GLU C 252 2.07 12.18 22.88
CA GLU C 252 2.73 13.02 23.87
C GLU C 252 3.88 12.32 24.61
N SER C 253 4.01 11.01 24.45
CA SER C 253 5.16 10.30 25.01
C SER C 253 6.45 10.82 24.38
N ASP C 254 7.48 10.95 25.20
CA ASP C 254 8.80 11.33 24.73
C ASP C 254 9.63 10.10 24.39
N LEU C 255 9.13 8.93 24.79
CA LEU C 255 9.76 7.67 24.43
C LEU C 255 9.73 7.51 22.91
N LYS C 256 10.85 7.12 22.31
CA LYS C 256 10.85 6.93 20.86
C LYS C 256 11.58 5.66 20.46
N PRO C 257 11.00 4.95 19.48
CA PRO C 257 11.66 3.72 19.01
C PRO C 257 13.02 4.10 18.43
N ASN C 258 14.03 3.28 18.67
CA ASN C 258 15.31 3.50 18.01
C ASN C 258 15.99 2.18 17.78
N HIS C 259 16.65 2.06 16.64
CA HIS C 259 17.19 0.77 16.25
C HIS C 259 18.31 0.30 17.17
N GLU C 260 18.97 1.23 17.85
CA GLU C 260 20.03 0.81 18.77
C GLU C 260 19.42 -0.05 19.87
N GLU C 261 18.29 0.37 20.42
CA GLU C 261 17.66 -0.42 21.47
C GLU C 261 17.11 -1.74 20.94
N VAL C 262 16.67 -1.73 19.69
CA VAL C 262 16.24 -2.96 19.02
C VAL C 262 17.39 -3.95 18.99
N LEU C 263 18.55 -3.48 18.55
CA LEU C 263 19.73 -4.32 18.52
C LEU C 263 20.10 -4.77 19.92
N ALA C 264 19.91 -3.89 20.90
CA ALA C 264 20.30 -4.18 22.26
C ALA C 264 19.46 -5.32 22.78
N THR C 265 18.16 -5.25 22.50
CA THR C 265 17.24 -6.24 23.01
C THR C 265 17.48 -7.56 22.31
N GLY C 266 17.74 -7.50 21.01
CA GLY C 266 18.11 -8.69 20.28
C GLY C 266 19.38 -9.29 20.86
N ALA C 267 20.36 -8.44 21.16
CA ALA C 267 21.63 -8.92 21.70
C ALA C 267 21.38 -9.60 23.04
N GLN C 268 20.57 -8.97 23.87
CA GLN C 268 20.30 -9.51 25.20
C GLN C 268 19.50 -10.80 25.18
N ARG C 269 18.62 -10.95 24.19
CA ARG C 269 17.79 -12.14 24.13
C ARG C 269 18.31 -13.21 23.17
N ALA C 270 19.45 -12.94 22.55
CA ALA C 270 20.00 -13.80 21.51
C ALA C 270 20.35 -15.19 22.03
N GLU C 271 20.88 -15.23 23.24
CA GLU C 271 21.30 -16.49 23.83
C GLU C 271 20.07 -17.37 24.04
N LEU C 272 19.04 -16.80 24.65
CA LEU C 272 17.84 -17.56 24.92
C LEU C 272 17.15 -17.95 23.63
N MET C 273 17.11 -17.02 22.68
CA MET C 273 16.45 -17.28 21.42
C MET C 273 17.15 -18.41 20.68
N GLN C 274 18.47 -18.36 20.64
CA GLN C 274 19.26 -19.42 20.04
C GLN C 274 18.98 -20.76 20.70
N SER C 275 19.12 -20.79 22.02
CA SER C 275 18.82 -21.98 22.79
C SER C 275 17.41 -22.49 22.45
N TRP C 276 16.47 -21.57 22.35
CA TRP C 276 15.10 -21.96 22.08
C TRP C 276 14.98 -22.60 20.71
N PHE C 277 15.60 -21.98 19.72
CA PHE C 277 15.53 -22.47 18.34
C PHE C 277 16.23 -23.82 18.23
N GLU C 278 17.36 -23.94 18.92
CA GLU C 278 18.12 -25.18 18.89
C GLU C 278 17.26 -26.29 19.46
N LYS C 279 16.56 -25.99 20.55
CA LYS C 279 15.77 -27.01 21.22
C LYS C 279 14.50 -27.34 20.47
N ILE C 280 13.93 -26.34 19.80
CA ILE C 280 12.79 -26.60 18.95
C ILE C 280 13.22 -27.54 17.85
N ILE C 281 14.37 -27.24 17.25
CA ILE C 281 14.87 -28.01 16.14
C ILE C 281 15.16 -29.43 16.55
N GLU C 282 15.78 -29.58 17.71
CA GLU C 282 16.06 -30.89 18.28
C GLU C 282 14.79 -31.74 18.32
N LYS C 283 13.63 -31.11 18.52
CA LYS C 283 12.38 -31.85 18.68
C LYS C 283 11.51 -31.89 17.41
N LEU C 284 12.01 -31.34 16.32
CA LEU C 284 11.27 -31.39 15.05
C LEU C 284 11.06 -32.84 14.64
N PRO C 285 9.79 -33.23 14.44
CA PRO C 285 9.39 -34.63 14.22
C PRO C 285 9.92 -35.22 12.91
N LYS C 286 11.12 -35.80 12.96
CA LYS C 286 11.69 -36.47 11.80
C LYS C 286 13.10 -36.98 12.10
N ASP C 287 13.84 -37.26 11.03
CA ASP C 287 15.23 -37.68 11.13
C ASP C 287 16.14 -36.61 10.55
N9 NOS D . -7.42 17.37 -0.50
C4 NOS D . -7.88 16.08 -0.27
N3 NOS D . -7.28 14.86 -0.38
C2 NOS D . -8.08 13.84 -0.06
N1 NOS D . -9.37 13.86 0.37
C6 NOS D . -9.96 15.08 0.48
O6 NOS D . -11.23 15.21 0.91
C5 NOS D . -9.26 16.26 0.17
N7 NOS D . -9.60 17.62 0.19
C8 NOS D . -8.49 18.25 -0.21
C5' NOS D . -7.53 17.46 -3.83
O5' NOS D . -8.59 18.38 -3.76
C4' NOS D . -6.24 18.15 -3.42
O4' NOS D . -6.43 18.74 -2.13
C1' NOS D . -6.18 17.76 -1.12
C2' NOS D . -5.36 16.58 -1.75
O2' NOS D . -4.14 16.34 -1.08
C3' NOS D . -5.20 17.02 -3.22
O3' NOS D . -3.90 17.41 -3.61
S SO4 E . -2.47 19.46 -0.97
O1 SO4 E . -3.12 20.47 -0.06
O2 SO4 E . -1.00 19.80 -1.16
O3 SO4 E . -3.16 19.45 -2.31
O4 SO4 E . -2.55 18.08 -0.37
N9 NOS F . -11.77 -13.92 -5.01
C4 NOS F . -11.10 -13.50 -3.85
N3 NOS F . -10.12 -12.57 -3.66
C2 NOS F . -9.74 -12.46 -2.39
N1 NOS F . -10.18 -13.15 -1.29
C6 NOS F . -11.13 -14.08 -1.49
O6 NOS F . -11.71 -14.73 -0.43
C5 NOS F . -11.66 -14.32 -2.77
N7 NOS F . -12.64 -15.19 -3.27
C8 NOS F . -12.67 -14.93 -4.59
C5' NOS F . -8.87 -15.91 -6.98
O5' NOS F . -9.65 -17.06 -6.82
C4' NOS F . -9.78 -14.87 -7.60
O4' NOS F . -11.03 -14.95 -6.92
C1' NOS F . -11.38 -13.65 -6.37
C2' NOS F . -10.11 -12.71 -6.50
O2' NOS F . -10.46 -11.45 -7.02
C3' NOS F . -9.13 -13.48 -7.42
O3' NOS F . -8.92 -12.87 -8.69
N9 NOS G . 11.42 -3.69 14.31
C4 NOS G . 10.34 -2.82 14.14
N3 NOS G . 9.62 -2.49 13.05
C2 NOS G . 8.65 -1.61 13.28
N1 NOS G . 8.29 -1.03 14.45
C6 NOS G . 9.00 -1.35 15.54
O6 NOS G . 8.54 -1.01 16.77
C5 NOS G . 10.07 -2.27 15.47
N7 NOS G . 10.98 -2.79 16.38
C8 NOS G . 11.74 -3.62 15.68
C5' NOS G . 14.06 -1.83 12.97
O5' NOS G . 14.60 -1.61 14.27
C4' NOS G . 14.26 -3.32 12.65
O4' NOS G . 13.65 -4.15 13.64
C1' NOS G . 12.25 -4.31 13.30
C2' NOS G . 12.04 -3.92 11.79
O2' NOS G . 11.53 -5.00 11.05
C3' NOS G . 13.47 -3.52 11.35
O3' NOS G . 14.13 -4.43 10.50
S SO4 H . 13.75 -7.69 11.61
O1 SO4 H . 12.38 -7.62 10.98
O2 SO4 H . 13.82 -6.58 12.65
O3 SO4 H . 14.77 -7.51 10.50
O4 SO4 H . 14.02 -8.99 12.34
#